data_8WT9
#
_entry.id   8WT9
#
_cell.length_a   1.00
_cell.length_b   1.00
_cell.length_c   1.00
_cell.angle_alpha   90.00
_cell.angle_beta   90.00
_cell.angle_gamma   90.00
#
_symmetry.space_group_name_H-M   'P 1'
#
loop_
_entity.id
_entity.type
_entity.pdbx_description
1 polymer 'IS621 transposase'
2 polymer 'bridge RNA'
3 polymer 'target DNA-donor DNA'
4 polymer 'target DNA'
5 polymer 'donor DNA-target DNA'
6 polymer 'donor DNA'
7 non-polymer 'MAGNESIUM ION'
8 water water
#
loop_
_entity_poly.entity_id
_entity_poly.type
_entity_poly.pdbx_seq_one_letter_code
_entity_poly.pdbx_strand_id
1 'polypeptide(L)'
;GPMEHELHYIGIDTAKEKLDVDVLRPDGRHRTKKFANTTKGHDELVSWLKGHKIDHAHICIEATGTYMEPVAECLYDAGY
IVSVINPALGKAFAQSEGLRNKTDTVDARMLAEFCRQKRPAAWEAPHPLERALRALVVRHQALTDMHTQELNRTETAREV
QRPSIDAHLLWLEAELKRLEKQIKDLTDDDPDMKHRRKLLESIPGIGEKTSAVLLAYIGLKDRFAHARQFAAFAGLTPRR
YESGSSVRGASRMSKAGHVSLRRALYMPAMVATSKTEWGRAFRDRLAANGKKGKVILGAMMRKLAQVAYGVLKSGVPFDA
SRHNPVAA
;
A,B,C,D
2 'polyribonucleotide'
;GGGAGUGCAGAGAAAAUCGGCCAGUUUUCUCUGCCUGCAGUCCGCAUGCCGUAUCGGGCCUUGGGUUCUAACCUGUUCUG
UAGAUUUAUGCAGCGGACUGCCUUUCUCCCAAAGUGAUAAACCGGACAGUAUCAUGGACCGGUUUUCCCGGUAAUCCGUA
UUUACAAGGCUGGUUUCACU
;
E,F
3 'polydeoxyribonucleotide'
;(DG)(DC)(DC)(DG)(DG)(DG)(DT)(DA)(DA)(DT)(DA)(DC)(DC)(DA)(DC)(DC)(DA)(DA)(DG)(DC)
(DC)(DG)(DC)(DC)(DT)(DT)(DG)(DT)(DA)(DT)(DT)(DA)(DT)(DC)(DC)(DC)(DT)(DC)(DC)(DA)
(DG)(DT)(DG)(DC)(DA)(DG)(DA)(DG)(DA)
;
G
4 'polydeoxyribonucleotide'
;(DC)(DG)(DA)(DG)(DC)(DT)(DC)(DA)(DT)(DC)(DT)(DG)(DT)(DA)(DG)(DG)(DC)(DC)(DC)(DG)
(DA)(DT)(DG)(DG)(DT)(DG)(DG)(DT)(DA)(DT)(DT)(DA)(DC)(DC)(DC)(DG)(DG)(DC)
;
H
5 'polydeoxyribonucleotide'
;(DT)(DG)(DC)(DA)(DG)(DG)(DC)(DC)(DA)(DT)(DA)(DA)(DG)(DT)(DC)(DA)(DA)(DT)(DC)(DT)
(DA)(DC)(DA)(DG)(DA)(DT)(DG)(DA)(DG)(DC)(DT)(DC)(DG)
;
I
6 'polydeoxyribonucleotide'
;(DT)(DC)(DT)(DC)(DT)(DG)(DC)(DA)(DC)(DT)(DG)(DG)(DA)(DG)(DG)(DG)(DA)(DT)(DA)(DA)
(DT)(DA)(DC)(DA)(DA)(DG)(DA)(DT)(DA)(DC)(DT)(DG)(DT)(DT)(DA)(DT)(DG)(DG)(DC)(DC)
(DT)(DG)(DC)(DA)
;
J
#
# COMPACT_ATOMS: atom_id res chain seq x y z
N GLU A 6 -15.53 15.25 -44.47
CA GLU A 6 -14.19 15.76 -44.84
C GLU A 6 -13.38 16.16 -43.61
N LEU A 7 -13.88 15.80 -42.41
CA LEU A 7 -13.22 16.17 -41.16
C LEU A 7 -12.07 15.20 -40.91
N HIS A 8 -10.88 15.74 -40.59
CA HIS A 8 -9.74 14.94 -40.20
C HIS A 8 -9.67 14.91 -38.67
N TYR A 9 -8.96 13.90 -38.14
CA TYR A 9 -8.75 13.79 -36.71
C TYR A 9 -7.24 13.74 -36.46
N ILE A 10 -6.73 14.72 -35.70
CA ILE A 10 -5.30 14.88 -35.50
C ILE A 10 -5.01 14.73 -34.01
N GLY A 11 -3.94 13.98 -33.70
CA GLY A 11 -3.40 13.88 -32.36
C GLY A 11 -2.00 14.47 -32.30
N ILE A 12 -1.69 15.21 -31.23
CA ILE A 12 -0.38 15.81 -31.07
C ILE A 12 0.19 15.37 -29.72
N ASP A 13 1.29 14.61 -29.76
CA ASP A 13 2.06 14.28 -28.57
C ASP A 13 3.10 15.37 -28.36
N THR A 14 3.08 16.01 -27.19
CA THR A 14 3.87 17.20 -26.95
C THR A 14 5.06 16.85 -26.06
N ALA A 15 6.19 17.52 -26.34
CA ALA A 15 7.34 17.57 -25.45
C ALA A 15 7.80 19.01 -25.36
N LYS A 16 8.79 19.28 -24.49
CA LYS A 16 9.31 20.63 -24.30
C LYS A 16 9.85 21.17 -25.63
N GLU A 17 10.59 20.32 -26.36
CA GLU A 17 11.35 20.74 -27.52
C GLU A 17 10.67 20.35 -28.82
N LYS A 18 9.99 19.20 -28.84
CA LYS A 18 9.56 18.56 -30.08
C LYS A 18 8.06 18.28 -30.05
N LEU A 19 7.41 18.40 -31.22
CA LEU A 19 6.03 18.01 -31.41
C LEU A 19 5.98 16.78 -32.31
N ASP A 20 5.06 15.86 -32.01
CA ASP A 20 4.84 14.66 -32.81
C ASP A 20 3.37 14.63 -33.22
N VAL A 21 3.12 14.79 -34.52
CA VAL A 21 1.77 14.96 -35.06
C VAL A 21 1.38 13.71 -35.85
N ASP A 22 0.10 13.32 -35.75
CA ASP A 22 -0.43 12.16 -36.45
C ASP A 22 -1.84 12.50 -36.95
N VAL A 23 -1.98 12.64 -38.27
CA VAL A 23 -3.25 12.92 -38.90
C VAL A 23 -3.90 11.60 -39.27
N LEU A 24 -5.18 11.43 -38.90
CA LEU A 24 -5.98 10.30 -39.33
C LEU A 24 -6.98 10.77 -40.37
N ARG A 25 -6.83 10.28 -41.61
CA ARG A 25 -7.59 10.76 -42.74
C ARG A 25 -8.93 10.03 -42.81
N PRO A 26 -9.99 10.61 -43.45
CA PRO A 26 -11.25 9.89 -43.63
C PRO A 26 -11.12 8.51 -44.27
N ASP A 27 -10.18 8.37 -45.22
CA ASP A 27 -9.98 7.12 -45.93
C ASP A 27 -9.40 6.06 -44.99
N GLY A 28 -8.70 6.50 -43.93
CA GLY A 28 -8.23 5.61 -42.89
C GLY A 28 -6.71 5.59 -42.79
N ARG A 29 -6.02 6.10 -43.83
CA ARG A 29 -4.57 6.17 -43.85
C ARG A 29 -4.11 7.31 -42.95
N HIS A 30 -2.84 7.24 -42.51
CA HIS A 30 -2.28 8.22 -41.59
C HIS A 30 -1.24 9.09 -42.30
N ARG A 31 -1.05 10.30 -41.77
CA ARG A 31 0.05 11.18 -42.14
C ARG A 31 0.76 11.62 -40.86
N THR A 32 2.05 11.30 -40.74
CA THR A 32 2.82 11.61 -39.55
C THR A 32 4.01 12.50 -39.94
N LYS A 33 4.27 13.51 -39.10
CA LYS A 33 5.38 14.44 -39.31
C LYS A 33 5.74 15.08 -37.97
N LYS A 34 7.04 15.27 -37.74
CA LYS A 34 7.57 15.73 -36.46
C LYS A 34 8.05 17.17 -36.61
N PHE A 35 7.78 18.00 -35.60
CA PHE A 35 8.04 19.43 -35.66
C PHE A 35 8.75 19.89 -34.40
N ALA A 36 9.38 21.07 -34.46
CA ALA A 36 9.92 21.74 -33.29
C ALA A 36 8.80 22.45 -32.55
N ASN A 37 8.89 22.48 -31.22
CA ASN A 37 7.89 23.13 -30.39
C ASN A 37 8.25 24.61 -30.23
N THR A 38 8.24 25.32 -31.36
CA THR A 38 8.66 26.72 -31.42
C THR A 38 7.69 27.48 -32.32
N THR A 39 7.70 28.81 -32.22
CA THR A 39 6.83 29.66 -33.04
C THR A 39 7.05 29.33 -34.52
N LYS A 40 8.31 29.12 -34.91
CA LYS A 40 8.64 28.75 -36.28
C LYS A 40 7.97 27.42 -36.62
N GLY A 41 8.14 26.41 -35.75
CA GLY A 41 7.63 25.08 -35.98
C GLY A 41 6.10 25.01 -35.93
N HIS A 42 5.47 25.99 -35.26
CA HIS A 42 4.03 26.07 -35.18
C HIS A 42 3.44 26.56 -36.51
N ASP A 43 4.13 27.53 -37.14
CA ASP A 43 3.73 28.04 -38.44
C ASP A 43 4.05 27.02 -39.52
N GLU A 44 5.11 26.24 -39.30
CA GLU A 44 5.47 25.13 -40.18
C GLU A 44 4.38 24.07 -40.15
N LEU A 45 3.86 23.79 -38.94
CA LEU A 45 2.81 22.80 -38.75
C LEU A 45 1.56 23.20 -39.54
N VAL A 46 1.12 24.46 -39.38
CA VAL A 46 -0.10 24.93 -40.01
C VAL A 46 0.05 24.85 -41.53
N SER A 47 1.23 25.21 -42.04
CA SER A 47 1.51 25.17 -43.47
C SER A 47 1.46 23.73 -43.98
N TRP A 48 1.97 22.78 -43.19
CA TRP A 48 2.01 21.38 -43.56
C TRP A 48 0.59 20.81 -43.66
N LEU A 49 -0.34 21.32 -42.84
CA LEU A 49 -1.72 20.89 -42.87
C LEU A 49 -2.40 21.43 -44.13
N LYS A 50 -2.20 22.73 -44.40
CA LYS A 50 -2.68 23.35 -45.63
C LYS A 50 -2.03 22.67 -46.84
N GLY A 51 -0.78 22.21 -46.67
CA GLY A 51 -0.09 21.41 -47.68
C GLY A 51 -0.93 20.21 -48.13
N HIS A 52 -1.43 19.45 -47.16
CA HIS A 52 -2.24 18.27 -47.43
C HIS A 52 -3.72 18.62 -47.52
N LYS A 53 -4.01 19.92 -47.77
CA LYS A 53 -5.36 20.40 -48.02
C LYS A 53 -6.29 20.04 -46.85
N ILE A 54 -5.77 20.13 -45.62
CA ILE A 54 -6.56 19.85 -44.43
C ILE A 54 -7.13 21.18 -43.93
N ASP A 55 -8.42 21.42 -44.21
CA ASP A 55 -9.08 22.66 -43.86
C ASP A 55 -9.86 22.46 -42.57
N HIS A 56 -10.72 21.43 -42.54
CA HIS A 56 -11.51 21.10 -41.36
C HIS A 56 -10.88 19.90 -40.65
N ALA A 57 -10.52 20.09 -39.37
CA ALA A 57 -9.96 19.03 -38.55
C ALA A 57 -10.37 19.23 -37.10
N HIS A 58 -10.29 18.14 -36.32
CA HIS A 58 -10.46 18.18 -34.88
C HIS A 58 -9.17 17.68 -34.25
N ILE A 59 -8.51 18.55 -33.47
CA ILE A 59 -7.17 18.28 -32.96
C ILE A 59 -7.29 17.97 -31.47
N CYS A 60 -6.55 16.93 -31.03
CA CYS A 60 -6.63 16.44 -29.67
C CYS A 60 -5.23 16.44 -29.04
N ILE A 61 -5.02 17.37 -28.10
CA ILE A 61 -3.77 17.50 -27.36
C ILE A 61 -4.07 17.12 -25.92
N GLU A 62 -3.08 16.59 -25.20
CA GLU A 62 -3.26 16.29 -23.78
C GLU A 62 -2.62 17.40 -22.94
N ALA A 63 -3.23 17.67 -21.78
CA ALA A 63 -2.89 18.82 -20.95
C ALA A 63 -1.66 18.50 -20.09
N THR A 64 -0.48 18.76 -20.66
CA THR A 64 0.79 18.37 -20.05
C THR A 64 1.64 19.61 -19.79
N GLY A 65 1.08 20.57 -19.04
CA GLY A 65 1.85 21.74 -18.64
C GLY A 65 1.63 22.91 -19.59
N THR A 66 2.60 23.83 -19.61
CA THR A 66 2.50 25.09 -20.31
C THR A 66 3.19 25.01 -21.68
N TYR A 67 3.84 23.88 -21.98
CA TYR A 67 4.58 23.72 -23.22
C TYR A 67 3.62 23.46 -24.38
N MET A 68 2.41 22.97 -24.07
CA MET A 68 1.42 22.62 -25.09
C MET A 68 0.46 23.79 -25.34
N GLU A 69 0.56 24.85 -24.52
CA GLU A 69 -0.37 25.96 -24.61
C GLU A 69 -0.17 26.78 -25.89
N PRO A 70 1.07 27.17 -26.29
CA PRO A 70 1.22 28.01 -27.48
C PRO A 70 0.79 27.35 -28.79
N VAL A 71 0.95 26.02 -28.91
CA VAL A 71 0.57 25.31 -30.12
C VAL A 71 -0.96 25.20 -30.17
N ALA A 72 -1.60 25.02 -29.01
CA ALA A 72 -3.06 24.93 -28.93
C ALA A 72 -3.70 26.24 -29.38
N GLU A 73 -3.08 27.37 -29.01
CA GLU A 73 -3.57 28.69 -29.39
C GLU A 73 -3.33 28.93 -30.88
N CYS A 74 -2.18 28.45 -31.39
CA CYS A 74 -1.82 28.60 -32.78
C CYS A 74 -2.86 27.93 -33.69
N LEU A 75 -3.25 26.70 -33.33
CA LEU A 75 -4.16 25.91 -34.14
C LEU A 75 -5.59 26.42 -33.98
N TYR A 76 -5.94 26.89 -32.78
CA TYR A 76 -7.23 27.52 -32.54
C TYR A 76 -7.39 28.72 -33.47
N ASP A 77 -6.34 29.53 -33.59
CA ASP A 77 -6.37 30.74 -34.42
C ASP A 77 -6.36 30.37 -35.90
N ALA A 78 -5.72 29.24 -36.24
CA ALA A 78 -5.70 28.73 -37.60
C ALA A 78 -7.10 28.30 -38.04
N GLY A 79 -8.00 28.10 -37.07
CA GLY A 79 -9.42 27.88 -37.34
C GLY A 79 -9.86 26.45 -37.04
N TYR A 80 -8.92 25.61 -36.59
CA TYR A 80 -9.21 24.21 -36.32
C TYR A 80 -9.97 24.08 -34.99
N ILE A 81 -10.68 22.96 -34.83
CA ILE A 81 -11.28 22.60 -33.55
C ILE A 81 -10.19 21.93 -32.71
N VAL A 82 -9.94 22.49 -31.52
CA VAL A 82 -8.88 21.99 -30.65
C VAL A 82 -9.54 21.48 -29.36
N SER A 83 -9.09 20.30 -28.91
CA SER A 83 -9.52 19.76 -27.64
C SER A 83 -8.29 19.43 -26.78
N VAL A 84 -8.24 20.00 -25.58
CA VAL A 84 -7.17 19.77 -24.64
C VAL A 84 -7.69 18.84 -23.55
N ILE A 85 -7.19 17.60 -23.50
CA ILE A 85 -7.81 16.58 -22.68
C ILE A 85 -6.98 16.32 -21.42
N ASN A 86 -7.68 15.98 -20.33
CA ASN A 86 -7.04 15.56 -19.09
C ASN A 86 -6.21 14.31 -19.38
N PRO A 87 -4.89 14.29 -19.08
CA PRO A 87 -4.05 13.14 -19.46
C PRO A 87 -4.52 11.80 -18.90
N ALA A 88 -5.24 11.82 -17.77
CA ALA A 88 -5.75 10.61 -17.15
C ALA A 88 -6.77 9.94 -18.08
N LEU A 89 -7.54 10.74 -18.83
CA LEU A 89 -8.49 10.23 -19.78
C LEU A 89 -7.75 9.45 -20.87
N GLY A 90 -6.66 10.03 -21.37
CA GLY A 90 -5.86 9.42 -22.42
C GLY A 90 -5.34 8.04 -22.00
N LYS A 91 -4.75 7.97 -20.80
CA LYS A 91 -4.17 6.74 -20.29
C LYS A 91 -5.26 5.66 -20.22
N ALA A 92 -6.45 6.05 -19.76
CA ALA A 92 -7.58 5.13 -19.63
C ALA A 92 -8.05 4.67 -20.99
N PHE A 93 -8.05 5.58 -21.98
CA PHE A 93 -8.45 5.25 -23.33
C PHE A 93 -7.51 4.19 -23.89
N ALA A 94 -6.20 4.33 -23.63
CA ALA A 94 -5.21 3.38 -24.12
C ALA A 94 -5.52 1.98 -23.61
N GLN A 95 -5.93 1.87 -22.33
CA GLN A 95 -6.19 0.59 -21.70
C GLN A 95 -7.50 0.00 -22.21
N SER A 96 -8.42 0.86 -22.67
CA SER A 96 -9.72 0.41 -23.17
C SER A 96 -9.58 -0.15 -24.59
N GLU A 97 -8.47 0.19 -25.25
CA GLU A 97 -8.24 -0.20 -26.64
C GLU A 97 -7.68 -1.62 -26.72
N GLY A 98 -7.12 -2.14 -25.61
CA GLY A 98 -6.63 -3.51 -25.61
C GLY A 98 -6.09 -3.95 -24.25
N LEU A 99 -5.96 -5.28 -24.09
CA LEU A 99 -5.61 -5.89 -22.81
C LEU A 99 -4.10 -5.97 -22.66
N ARG A 100 -3.36 -5.96 -23.78
CA ARG A 100 -1.93 -6.20 -23.76
C ARG A 100 -1.24 -5.31 -24.81
N ASN A 101 -1.46 -3.99 -24.69
CA ASN A 101 -0.89 -3.03 -25.62
C ASN A 101 0.63 -3.07 -25.54
N LYS A 102 1.29 -2.75 -26.67
CA LYS A 102 2.74 -2.69 -26.77
C LYS A 102 3.31 -1.92 -25.59
N THR A 103 2.73 -0.75 -25.31
CA THR A 103 3.13 0.08 -24.18
C THR A 103 1.90 0.81 -23.63
N ASP A 104 1.98 1.20 -22.35
CA ASP A 104 0.88 1.87 -21.67
C ASP A 104 0.82 3.34 -22.04
N THR A 105 1.92 3.87 -22.60
CA THR A 105 2.04 5.30 -22.90
C THR A 105 1.09 5.65 -24.04
N VAL A 106 0.73 6.94 -24.10
CA VAL A 106 -0.18 7.46 -25.10
C VAL A 106 0.63 8.23 -26.15
N ASP A 107 0.39 7.94 -27.43
CA ASP A 107 1.12 8.56 -28.52
C ASP A 107 0.13 9.29 -29.42
N ALA A 108 0.65 10.08 -30.37
CA ALA A 108 -0.15 10.92 -31.24
C ALA A 108 -1.21 10.10 -31.99
N ARG A 109 -0.87 8.86 -32.36
CA ARG A 109 -1.79 7.96 -33.04
C ARG A 109 -2.99 7.68 -32.13
N MET A 110 -2.71 7.39 -30.85
CA MET A 110 -3.74 7.06 -29.87
C MET A 110 -4.63 8.29 -29.64
N LEU A 111 -4.05 9.49 -29.70
CA LEU A 111 -4.78 10.73 -29.48
C LEU A 111 -5.71 11.02 -30.67
N ALA A 112 -5.28 10.67 -31.88
CA ALA A 112 -6.11 10.82 -33.07
C ALA A 112 -7.32 9.90 -32.97
N GLU A 113 -7.11 8.71 -32.40
CA GLU A 113 -8.16 7.71 -32.26
C GLU A 113 -9.13 8.12 -31.15
N PHE A 114 -8.58 8.65 -30.04
CA PHE A 114 -9.37 9.24 -28.98
C PHE A 114 -10.32 10.27 -29.57
N CYS A 115 -9.76 11.15 -30.41
CA CYS A 115 -10.50 12.26 -30.99
C CYS A 115 -11.68 11.75 -31.82
N ARG A 116 -11.44 10.72 -32.65
CA ARG A 116 -12.44 10.21 -33.57
C ARG A 116 -13.62 9.61 -32.79
N GLN A 117 -13.31 8.80 -31.78
CA GLN A 117 -14.32 8.03 -31.05
C GLN A 117 -15.10 8.94 -30.10
N LYS A 118 -14.39 9.75 -29.31
CA LYS A 118 -14.97 10.52 -28.22
C LYS A 118 -15.63 11.79 -28.75
N ARG A 119 -15.03 12.40 -29.78
CA ARG A 119 -15.43 13.71 -30.27
C ARG A 119 -15.51 14.69 -29.10
N PRO A 120 -14.39 14.93 -28.37
CA PRO A 120 -14.44 15.67 -27.11
C PRO A 120 -14.80 17.15 -27.29
N ALA A 121 -15.12 17.81 -26.16
CA ALA A 121 -15.58 19.18 -26.16
C ALA A 121 -14.46 20.12 -26.60
N ALA A 122 -14.84 21.18 -27.33
CA ALA A 122 -13.88 22.12 -27.89
C ALA A 122 -13.29 22.98 -26.79
N TRP A 123 -11.98 23.27 -26.93
CA TRP A 123 -11.24 24.08 -25.99
C TRP A 123 -11.25 25.54 -26.45
N GLU A 124 -11.37 26.46 -25.49
CA GLU A 124 -11.34 27.89 -25.77
C GLU A 124 -10.22 28.52 -24.94
N ALA A 125 -9.34 29.28 -25.61
CA ALA A 125 -8.27 29.99 -24.93
C ALA A 125 -8.87 31.00 -23.96
N PRO A 126 -8.49 30.99 -22.65
CA PRO A 126 -9.12 31.87 -21.67
C PRO A 126 -8.77 33.33 -21.90
N HIS A 127 -9.65 34.22 -21.40
CA HIS A 127 -9.51 35.66 -21.58
C HIS A 127 -8.22 36.12 -20.90
N PRO A 128 -7.47 37.11 -21.46
CA PRO A 128 -6.23 37.56 -20.83
C PRO A 128 -6.37 37.98 -19.37
N LEU A 129 -7.54 38.50 -18.98
CA LEU A 129 -7.83 38.85 -17.59
C LEU A 129 -7.96 37.57 -16.76
N GLU A 130 -8.70 36.58 -17.28
CA GLU A 130 -8.88 35.31 -16.60
C GLU A 130 -7.52 34.66 -16.36
N ARG A 131 -6.64 34.72 -17.37
CA ARG A 131 -5.26 34.26 -17.26
C ARG A 131 -4.55 34.99 -16.13
N ALA A 132 -4.58 36.33 -16.16
CA ALA A 132 -3.86 37.17 -15.22
C ALA A 132 -4.33 36.86 -13.79
N LEU A 133 -5.65 36.88 -13.56
CA LEU A 133 -6.19 36.70 -12.23
C LEU A 133 -5.77 35.33 -11.68
N ARG A 134 -5.94 34.28 -12.48
CA ARG A 134 -5.53 32.94 -12.09
C ARG A 134 -4.06 32.96 -11.67
N ALA A 135 -3.21 33.60 -12.48
CA ALA A 135 -1.77 33.60 -12.26
C ALA A 135 -1.45 34.23 -10.91
N LEU A 136 -2.11 35.35 -10.59
CA LEU A 136 -1.87 36.06 -9.34
C LEU A 136 -2.35 35.22 -8.16
N VAL A 137 -3.54 34.61 -8.30
CA VAL A 137 -4.13 33.82 -7.23
C VAL A 137 -3.22 32.63 -6.92
N VAL A 138 -2.67 32.00 -7.95
CA VAL A 138 -1.81 30.84 -7.80
C VAL A 138 -0.47 31.26 -7.17
N ARG A 139 0.01 32.45 -7.53
CA ARG A 139 1.23 33.00 -6.93
C ARG A 139 0.98 33.27 -5.44
N HIS A 140 -0.19 33.82 -5.12
CA HIS A 140 -0.53 34.16 -3.75
C HIS A 140 -0.54 32.92 -2.85
N GLN A 141 -1.01 31.79 -3.38
N GLN A 141 -1.02 31.79 -3.38
CA GLN A 141 -1.07 30.55 -2.62
CA GLN A 141 -1.06 30.54 -2.64
C GLN A 141 0.36 30.03 -2.40
C GLN A 141 0.35 30.01 -2.41
N ALA A 142 1.24 30.26 -3.38
CA ALA A 142 2.61 29.79 -3.31
C ALA A 142 3.35 30.52 -2.20
N LEU A 143 3.14 31.83 -2.09
CA LEU A 143 3.79 32.65 -1.07
C LEU A 143 3.19 32.36 0.30
N THR A 144 1.88 32.06 0.36
CA THR A 144 1.24 31.71 1.62
C THR A 144 1.90 30.44 2.18
N ASP A 145 2.11 29.45 1.32
CA ASP A 145 2.72 28.19 1.72
C ASP A 145 4.15 28.43 2.19
N MET A 146 4.89 29.29 1.48
CA MET A 146 6.26 29.62 1.85
C MET A 146 6.25 30.35 3.19
N HIS A 147 5.26 31.22 3.41
CA HIS A 147 5.11 31.92 4.68
C HIS A 147 4.80 30.93 5.80
N THR A 148 4.01 29.90 5.51
CA THR A 148 3.60 28.92 6.52
C THR A 148 4.79 28.07 6.95
N GLN A 149 5.69 27.74 6.02
CA GLN A 149 6.90 26.99 6.35
C GLN A 149 7.72 27.74 7.37
N GLU A 150 7.97 29.03 7.11
CA GLU A 150 8.84 29.85 7.95
C GLU A 150 8.18 30.07 9.30
N LEU A 151 6.85 30.11 9.34
CA LEU A 151 6.12 30.36 10.56
C LEU A 151 6.11 29.10 11.44
N ASN A 152 6.08 27.93 10.81
CA ASN A 152 6.28 26.66 11.50
C ASN A 152 7.66 26.60 12.13
N ARG A 153 8.67 27.17 11.46
CA ARG A 153 10.06 27.03 11.89
C ARG A 153 10.32 27.82 13.16
N THR A 154 9.55 28.89 13.41
CA THR A 154 9.76 29.73 14.59
C THR A 154 9.48 28.92 15.86
N GLU A 155 8.62 27.89 15.74
CA GLU A 155 8.26 27.03 16.87
C GLU A 155 9.51 26.41 17.49
N THR A 156 10.40 25.87 16.66
CA THR A 156 11.52 25.05 17.13
C THR A 156 12.87 25.69 16.78
N ALA A 157 12.87 26.98 16.41
CA ALA A 157 14.07 27.61 15.88
C ALA A 157 15.12 27.78 16.98
N ARG A 158 16.39 27.72 16.58
CA ARG A 158 17.51 28.08 17.44
C ARG A 158 17.69 29.58 17.38
N GLU A 159 18.29 30.18 18.41
CA GLU A 159 18.34 31.63 18.55
C GLU A 159 19.14 32.28 17.42
N VAL A 160 20.17 31.58 16.91
CA VAL A 160 21.00 32.12 15.83
C VAL A 160 20.22 32.12 14.52
N GLN A 161 19.22 31.23 14.40
CA GLN A 161 18.44 31.11 13.18
C GLN A 161 17.33 32.15 13.12
N ARG A 162 16.98 32.72 14.29
CA ARG A 162 15.75 33.47 14.43
C ARG A 162 15.80 34.79 13.66
N PRO A 163 16.92 35.56 13.67
CA PRO A 163 17.02 36.75 12.82
C PRO A 163 16.74 36.51 11.34
N SER A 164 17.20 35.36 10.82
CA SER A 164 17.04 35.03 9.41
C SER A 164 15.58 34.72 9.09
N ILE A 165 14.90 34.03 10.01
CA ILE A 165 13.52 33.61 9.81
C ILE A 165 12.62 34.85 9.91
N ASP A 166 12.86 35.69 10.92
CA ASP A 166 12.07 36.90 11.15
C ASP A 166 12.17 37.82 9.93
N ALA A 167 13.38 37.96 9.39
CA ALA A 167 13.61 38.81 8.23
C ALA A 167 12.80 38.31 7.04
N HIS A 168 12.77 36.98 6.84
CA HIS A 168 12.06 36.39 5.72
C HIS A 168 10.55 36.53 5.89
N LEU A 169 10.06 36.40 7.14
CA LEU A 169 8.64 36.50 7.43
C LEU A 169 8.15 37.92 7.13
N LEU A 170 8.98 38.93 7.37
CA LEU A 170 8.62 40.31 7.08
C LEU A 170 8.50 40.50 5.57
N TRP A 171 9.46 39.94 4.82
CA TRP A 171 9.47 40.09 3.38
C TRP A 171 8.24 39.44 2.77
N LEU A 172 7.89 38.23 3.26
CA LEU A 172 6.80 37.46 2.70
C LEU A 172 5.46 38.12 3.01
N GLU A 173 5.35 38.75 4.19
CA GLU A 173 4.14 39.45 4.58
C GLU A 173 3.92 40.66 3.68
N ALA A 174 5.00 41.41 3.42
CA ALA A 174 4.92 42.60 2.58
C ALA A 174 4.54 42.22 1.15
N GLU A 175 5.12 41.12 0.66
CA GLU A 175 4.90 40.66 -0.71
C GLU A 175 3.47 40.16 -0.87
N LEU A 176 2.98 39.40 0.12
CA LEU A 176 1.60 38.93 0.12
C LEU A 176 0.64 40.12 0.07
N LYS A 177 0.94 41.17 0.83
CA LYS A 177 0.08 42.35 0.89
C LYS A 177 0.10 43.07 -0.46
N ARG A 178 1.24 43.03 -1.14
CA ARG A 178 1.42 43.70 -2.42
C ARG A 178 0.60 43.00 -3.51
N LEU A 179 0.53 41.66 -3.45
CA LEU A 179 -0.19 40.87 -4.45
C LEU A 179 -1.70 41.01 -4.24
N GLU A 180 -2.13 40.99 -2.99
CA GLU A 180 -3.54 41.18 -2.66
C GLU A 180 -4.03 42.50 -3.24
N LYS A 181 -3.14 43.51 -3.26
CA LYS A 181 -3.45 44.82 -3.82
C LYS A 181 -3.49 44.74 -5.34
N GLN A 182 -2.58 43.95 -5.93
CA GLN A 182 -2.51 43.78 -7.37
C GLN A 182 -3.73 43.03 -7.88
N ILE A 183 -4.24 42.09 -7.07
CA ILE A 183 -5.45 41.35 -7.39
C ILE A 183 -6.65 42.28 -7.34
N LYS A 184 -6.71 43.14 -6.31
CA LYS A 184 -7.85 44.03 -6.12
C LYS A 184 -7.89 45.06 -7.26
N ASP A 185 -6.70 45.55 -7.67
CA ASP A 185 -6.61 46.50 -8.76
C ASP A 185 -7.09 45.87 -10.06
N LEU A 186 -6.87 44.56 -10.22
CA LEU A 186 -7.22 43.85 -11.45
C LEU A 186 -8.74 43.71 -11.54
N THR A 187 -9.40 43.35 -10.43
CA THR A 187 -10.83 43.10 -10.44
C THR A 187 -11.59 44.43 -10.46
N ASP A 188 -11.01 45.48 -9.85
CA ASP A 188 -11.65 46.78 -9.80
C ASP A 188 -11.60 47.49 -11.15
N ASP A 189 -10.54 47.25 -11.92
CA ASP A 189 -10.37 47.91 -13.21
C ASP A 189 -11.46 47.43 -14.18
N ASP A 190 -11.78 46.13 -14.15
CA ASP A 190 -12.81 45.57 -15.01
C ASP A 190 -14.17 45.71 -14.34
N PRO A 191 -15.20 46.28 -15.02
CA PRO A 191 -16.50 46.49 -14.38
C PRO A 191 -17.28 45.19 -14.12
N ASP A 192 -17.04 44.16 -14.93
CA ASP A 192 -17.73 42.89 -14.78
C ASP A 192 -17.15 42.11 -13.60
N MET A 193 -15.81 42.10 -13.48
CA MET A 193 -15.14 41.36 -12.41
C MET A 193 -15.40 42.05 -11.07
N LYS A 194 -15.47 43.39 -11.08
CA LYS A 194 -15.74 44.15 -9.87
C LYS A 194 -17.12 43.78 -9.34
N HIS A 195 -18.11 43.70 -10.24
CA HIS A 195 -19.48 43.40 -9.86
C HIS A 195 -19.60 41.96 -9.37
N ARG A 196 -19.01 41.03 -10.12
CA ARG A 196 -19.11 39.60 -9.82
C ARG A 196 -18.44 39.31 -8.47
N ARG A 197 -17.31 39.96 -8.20
CA ARG A 197 -16.58 39.74 -6.94
C ARG A 197 -17.42 40.23 -5.77
N LYS A 198 -18.13 41.35 -5.97
CA LYS A 198 -18.96 41.94 -4.94
C LYS A 198 -20.13 41.01 -4.59
N LEU A 199 -20.65 40.28 -5.58
CA LEU A 199 -21.72 39.33 -5.36
C LEU A 199 -21.21 38.16 -4.53
N LEU A 200 -20.00 37.66 -4.84
CA LEU A 200 -19.44 36.51 -4.16
C LEU A 200 -19.22 36.82 -2.69
N GLU A 201 -18.77 38.04 -2.38
CA GLU A 201 -18.43 38.42 -1.02
C GLU A 201 -19.69 38.67 -0.18
N SER A 202 -20.86 38.73 -0.83
CA SER A 202 -22.13 38.87 -0.12
C SER A 202 -22.51 37.55 0.57
N ILE A 203 -21.93 36.43 0.11
CA ILE A 203 -22.17 35.14 0.74
C ILE A 203 -21.47 35.13 2.09
N PRO A 204 -22.16 34.83 3.22
CA PRO A 204 -21.50 34.75 4.51
C PRO A 204 -20.56 33.56 4.62
N GLY A 205 -19.27 33.84 4.83
CA GLY A 205 -18.24 32.82 4.84
C GLY A 205 -17.25 32.98 3.69
N ILE A 206 -17.56 33.88 2.74
CA ILE A 206 -16.67 34.18 1.63
C ILE A 206 -16.24 35.64 1.74
N GLY A 207 -14.92 35.87 1.71
CA GLY A 207 -14.35 37.20 1.81
C GLY A 207 -13.38 37.49 0.66
N GLU A 208 -12.49 38.45 0.87
CA GLU A 208 -11.59 38.96 -0.15
C GLU A 208 -10.82 37.82 -0.82
N LYS A 209 -10.23 36.92 -0.02
CA LYS A 209 -9.29 35.94 -0.55
C LYS A 209 -10.04 34.87 -1.33
N THR A 210 -11.18 34.38 -0.81
CA THR A 210 -11.89 33.28 -1.43
C THR A 210 -12.58 33.75 -2.70
N SER A 211 -13.12 34.98 -2.68
CA SER A 211 -13.81 35.52 -3.84
C SER A 211 -12.89 35.59 -5.05
N ALA A 212 -11.61 35.92 -4.81
CA ALA A 212 -10.62 35.99 -5.87
C ALA A 212 -10.37 34.60 -6.46
N VAL A 213 -10.27 33.58 -5.59
CA VAL A 213 -9.99 32.22 -6.03
C VAL A 213 -11.18 31.73 -6.86
N LEU A 214 -12.41 31.97 -6.37
CA LEU A 214 -13.60 31.49 -7.06
C LEU A 214 -13.69 32.10 -8.45
N LEU A 215 -13.49 33.44 -8.55
CA LEU A 215 -13.49 34.11 -9.84
C LEU A 215 -12.44 33.52 -10.77
N ALA A 216 -11.28 33.16 -10.20
CA ALA A 216 -10.16 32.67 -11.00
C ALA A 216 -10.50 31.36 -11.70
N TYR A 217 -11.52 30.63 -11.20
CA TYR A 217 -11.87 29.34 -11.75
C TYR A 217 -13.24 29.37 -12.43
N ILE A 218 -14.17 30.22 -11.94
CA ILE A 218 -15.47 30.35 -12.58
C ILE A 218 -15.29 31.13 -13.88
N GLY A 219 -14.55 32.25 -13.83
CA GLY A 219 -14.23 33.03 -14.99
C GLY A 219 -15.25 34.14 -15.24
N LEU A 220 -15.12 34.80 -16.40
CA LEU A 220 -15.98 35.92 -16.77
C LEU A 220 -17.36 35.42 -17.16
N LYS A 221 -17.41 34.43 -18.05
CA LYS A 221 -18.66 33.93 -18.61
C LYS A 221 -19.19 32.77 -17.76
N ASP A 222 -20.42 32.34 -18.06
CA ASP A 222 -21.01 31.16 -17.44
C ASP A 222 -20.67 29.94 -18.29
N ARG A 223 -19.57 29.27 -17.95
CA ARG A 223 -19.03 28.16 -18.74
C ARG A 223 -19.52 26.82 -18.21
N PHE A 224 -20.28 26.83 -17.10
CA PHE A 224 -20.91 25.63 -16.59
C PHE A 224 -22.42 25.75 -16.82
N ALA A 225 -23.08 24.60 -17.00
CA ALA A 225 -24.53 24.58 -17.22
C ALA A 225 -25.25 24.53 -15.88
N HIS A 226 -24.75 23.69 -14.96
CA HIS A 226 -25.38 23.47 -13.68
C HIS A 226 -24.36 23.71 -12.57
N ALA A 227 -24.86 24.03 -11.36
CA ALA A 227 -24.02 24.31 -10.21
C ALA A 227 -23.27 23.06 -9.78
N ARG A 228 -23.91 21.89 -9.94
CA ARG A 228 -23.31 20.62 -9.54
C ARG A 228 -22.05 20.35 -10.36
N GLN A 229 -22.03 20.81 -11.62
CA GLN A 229 -20.88 20.61 -12.50
C GLN A 229 -19.68 21.37 -11.95
N PHE A 230 -19.90 22.60 -11.43
CA PHE A 230 -18.83 23.40 -10.87
C PHE A 230 -18.34 22.77 -9.56
N ALA A 231 -19.25 22.18 -8.77
CA ALA A 231 -18.87 21.45 -7.57
C ALA A 231 -18.02 20.25 -7.94
N ALA A 232 -18.39 19.54 -9.01
CA ALA A 232 -17.64 18.40 -9.52
C ALA A 232 -16.28 18.85 -10.04
N PHE A 233 -16.22 20.05 -10.62
CA PHE A 233 -15.00 20.62 -11.16
C PHE A 233 -13.97 20.85 -10.07
N ALA A 234 -14.44 21.04 -8.82
CA ALA A 234 -13.55 21.26 -7.68
C ALA A 234 -13.22 19.93 -6.98
N GLY A 235 -13.83 18.84 -7.44
CA GLY A 235 -13.63 17.52 -6.86
C GLY A 235 -14.29 17.40 -5.49
N LEU A 236 -15.50 17.97 -5.36
CA LEU A 236 -16.19 18.07 -4.09
C LEU A 236 -17.43 17.18 -4.04
N THR A 237 -17.91 16.70 -5.19
CA THR A 237 -19.07 15.83 -5.22
C THR A 237 -18.68 14.48 -4.66
N PRO A 238 -19.58 13.76 -3.93
CA PRO A 238 -19.28 12.42 -3.44
C PRO A 238 -19.09 11.40 -4.57
N ARG A 239 -18.39 10.30 -4.25
CA ARG A 239 -18.11 9.24 -5.20
C ARG A 239 -18.88 7.99 -4.77
N ARG A 240 -20.01 7.74 -5.42
CA ARG A 240 -20.85 6.58 -5.11
C ARG A 240 -20.30 5.37 -5.84
N TYR A 241 -20.13 4.26 -5.10
CA TYR A 241 -19.60 3.02 -5.65
C TYR A 241 -20.54 1.88 -5.27
N GLU A 242 -21.42 1.49 -6.21
CA GLU A 242 -22.48 0.54 -5.96
C GLU A 242 -22.56 -0.46 -7.12
N SER A 243 -22.80 -1.74 -6.78
N SER A 243 -22.79 -1.74 -6.78
CA SER A 243 -22.93 -2.79 -7.79
CA SER A 243 -22.91 -2.80 -7.78
C SER A 243 -23.67 -3.99 -7.20
C SER A 243 -23.68 -3.99 -7.19
N GLY A 244 -24.85 -4.27 -7.77
CA GLY A 244 -25.65 -5.42 -7.39
C GLY A 244 -26.11 -5.35 -5.94
N SER A 245 -25.70 -6.34 -5.14
CA SER A 245 -26.03 -6.42 -3.73
C SER A 245 -24.76 -6.48 -2.87
N SER A 246 -23.78 -7.28 -3.31
CA SER A 246 -22.58 -7.55 -2.53
C SER A 246 -21.70 -6.30 -2.45
N VAL A 247 -21.35 -5.72 -3.61
CA VAL A 247 -20.39 -4.65 -3.68
C VAL A 247 -21.10 -3.34 -3.35
N ARG A 248 -20.73 -2.73 -2.21
CA ARG A 248 -21.29 -1.46 -1.77
C ARG A 248 -20.28 -0.75 -0.86
N GLY A 249 -19.38 0.02 -1.47
CA GLY A 249 -18.41 0.82 -0.75
C GLY A 249 -19.00 2.17 -0.34
N ALA A 250 -18.69 2.61 0.88
CA ALA A 250 -19.17 3.87 1.41
C ALA A 250 -18.63 5.03 0.56
N SER A 251 -19.45 6.08 0.40
CA SER A 251 -19.12 7.20 -0.47
C SER A 251 -18.03 8.06 0.17
N ARG A 252 -17.11 8.54 -0.67
CA ARG A 252 -16.08 9.48 -0.26
C ARG A 252 -16.11 10.67 -1.21
N MET A 253 -15.46 11.76 -0.81
CA MET A 253 -15.21 12.90 -1.67
C MET A 253 -14.34 12.45 -2.84
N SER A 254 -14.76 12.78 -4.07
CA SER A 254 -14.12 12.25 -5.27
C SER A 254 -12.69 12.78 -5.42
N LYS A 255 -12.49 14.07 -5.08
CA LYS A 255 -11.20 14.72 -5.12
C LYS A 255 -10.68 14.84 -6.57
N ALA A 256 -11.55 14.58 -7.55
CA ALA A 256 -11.17 14.66 -8.95
C ALA A 256 -11.47 16.07 -9.47
N GLY A 257 -10.58 17.01 -9.15
CA GLY A 257 -10.76 18.40 -9.55
C GLY A 257 -9.65 19.28 -8.99
N HIS A 258 -9.76 20.60 -9.26
CA HIS A 258 -8.71 21.54 -8.94
C HIS A 258 -8.48 21.63 -7.43
N VAL A 259 -7.24 21.37 -7.02
CA VAL A 259 -6.84 21.35 -5.62
C VAL A 259 -6.84 22.78 -5.08
N SER A 260 -6.31 23.72 -5.88
CA SER A 260 -6.27 25.13 -5.50
C SER A 260 -7.65 25.63 -5.12
N LEU A 261 -8.66 25.17 -5.87
CA LEU A 261 -10.03 25.58 -5.65
C LEU A 261 -10.60 24.92 -4.40
N ARG A 262 -10.28 23.62 -4.25
CA ARG A 262 -10.79 22.83 -3.14
C ARG A 262 -10.18 23.31 -1.82
N ARG A 263 -8.87 23.61 -1.82
CA ARG A 263 -8.17 24.00 -0.60
C ARG A 263 -8.66 25.38 -0.13
N ALA A 264 -9.13 26.20 -1.07
CA ALA A 264 -9.54 27.57 -0.75
C ALA A 264 -10.83 27.59 0.06
N LEU A 265 -11.63 26.51 0.00
CA LEU A 265 -12.99 26.53 0.51
C LEU A 265 -13.08 26.01 1.93
N TYR A 266 -12.01 25.37 2.44
CA TYR A 266 -12.09 24.64 3.70
C TYR A 266 -12.29 25.59 4.88
N MET A 267 -11.46 26.64 4.99
CA MET A 267 -11.57 27.56 6.12
C MET A 267 -12.89 28.34 6.01
N PRO A 268 -13.30 28.85 4.82
CA PRO A 268 -14.67 29.37 4.65
C PRO A 268 -15.77 28.46 5.20
N ALA A 269 -15.66 27.15 4.97
CA ALA A 269 -16.67 26.20 5.42
C ALA A 269 -16.74 26.17 6.95
N MET A 270 -15.57 26.23 7.62
CA MET A 270 -15.52 26.28 9.08
C MET A 270 -16.18 27.58 9.58
N VAL A 271 -15.86 28.70 8.95
CA VAL A 271 -16.41 29.99 9.36
C VAL A 271 -17.93 29.89 9.28
N ALA A 272 -18.43 29.39 8.15
CA ALA A 272 -19.84 29.41 7.85
C ALA A 272 -20.61 28.51 8.81
N THR A 273 -20.15 27.26 8.97
CA THR A 273 -20.84 26.30 9.82
C THR A 273 -20.80 26.74 11.29
N SER A 274 -19.87 27.63 11.65
CA SER A 274 -19.65 27.99 13.04
C SER A 274 -20.34 29.31 13.41
N LYS A 275 -20.23 30.33 12.53
CA LYS A 275 -20.53 31.70 12.92
C LYS A 275 -21.71 32.31 12.15
N THR A 276 -22.15 31.68 11.05
CA THR A 276 -23.21 32.25 10.24
C THR A 276 -24.53 31.53 10.55
N GLU A 277 -25.65 32.19 10.24
CA GLU A 277 -26.98 31.67 10.54
C GLU A 277 -27.30 30.53 9.57
N TRP A 278 -27.08 30.76 8.26
CA TRP A 278 -27.41 29.77 7.25
C TRP A 278 -26.45 28.58 7.32
N GLY A 279 -25.22 28.83 7.80
CA GLY A 279 -24.21 27.80 7.93
C GLY A 279 -24.51 26.86 9.10
N ARG A 280 -24.82 27.43 10.26
CA ARG A 280 -25.20 26.65 11.43
C ARG A 280 -26.46 25.84 11.12
N ALA A 281 -27.43 26.48 10.45
CA ALA A 281 -28.64 25.79 10.01
C ALA A 281 -28.28 24.52 9.24
N PHE A 282 -27.30 24.64 8.32
CA PHE A 282 -26.86 23.51 7.52
C PHE A 282 -26.16 22.47 8.40
N ARG A 283 -25.29 22.93 9.30
CA ARG A 283 -24.52 22.07 10.18
C ARG A 283 -25.47 21.24 11.05
N ASP A 284 -26.50 21.89 11.60
CA ASP A 284 -27.42 21.26 12.54
C ASP A 284 -28.21 20.16 11.83
N ARG A 285 -28.68 20.44 10.61
CA ARG A 285 -29.46 19.49 9.83
C ARG A 285 -28.67 18.19 9.67
N LEU A 286 -27.39 18.29 9.30
CA LEU A 286 -26.57 17.12 9.04
C LEU A 286 -26.11 16.49 10.36
N ALA A 287 -25.94 17.32 11.39
CA ALA A 287 -25.60 16.83 12.73
C ALA A 287 -26.72 15.93 13.25
N ALA A 288 -27.98 16.32 12.99
CA ALA A 288 -29.14 15.54 13.37
C ALA A 288 -29.08 14.14 12.75
N ASN A 289 -28.65 14.05 11.49
CA ASN A 289 -28.57 12.77 10.79
C ASN A 289 -27.27 12.03 11.14
N GLY A 290 -26.53 12.52 12.14
CA GLY A 290 -25.38 11.81 12.67
C GLY A 290 -24.20 11.86 11.70
N LYS A 291 -23.66 13.06 11.50
CA LYS A 291 -22.54 13.29 10.61
C LYS A 291 -21.40 13.94 11.39
N LYS A 292 -20.17 13.54 11.07
CA LYS A 292 -18.99 13.95 11.81
C LYS A 292 -18.56 15.34 11.37
N GLY A 293 -17.59 15.92 12.09
CA GLY A 293 -17.17 17.30 11.88
C GLY A 293 -16.68 17.56 10.47
N LYS A 294 -15.66 16.82 10.02
CA LYS A 294 -15.05 17.04 8.72
C LYS A 294 -15.97 16.56 7.60
N VAL A 295 -16.89 15.63 7.90
CA VAL A 295 -17.86 15.17 6.94
C VAL A 295 -18.85 16.31 6.64
N ILE A 296 -19.19 17.09 7.67
CA ILE A 296 -20.05 18.25 7.49
C ILE A 296 -19.29 19.33 6.73
N LEU A 297 -18.00 19.52 7.06
CA LEU A 297 -17.18 20.52 6.39
C LEU A 297 -17.04 20.18 4.91
N GLY A 298 -16.78 18.90 4.63
CA GLY A 298 -16.78 18.38 3.27
C GLY A 298 -18.06 18.77 2.53
N ALA A 299 -19.20 18.60 3.21
CA ALA A 299 -20.50 18.91 2.64
C ALA A 299 -20.65 20.41 2.40
N MET A 300 -20.19 21.23 3.36
CA MET A 300 -20.35 22.67 3.28
C MET A 300 -19.46 23.25 2.18
N MET A 301 -18.31 22.62 1.92
CA MET A 301 -17.42 23.04 0.84
C MET A 301 -18.15 22.93 -0.50
N ARG A 302 -18.84 21.80 -0.72
CA ARG A 302 -19.63 21.59 -1.91
C ARG A 302 -20.77 22.62 -1.97
N LYS A 303 -21.44 22.82 -0.83
CA LYS A 303 -22.56 23.76 -0.75
C LYS A 303 -22.09 25.16 -1.18
N LEU A 304 -20.95 25.60 -0.64
CA LEU A 304 -20.40 26.92 -0.95
C LEU A 304 -20.11 27.04 -2.44
N ALA A 305 -19.53 26.00 -3.03
CA ALA A 305 -19.18 26.01 -4.45
C ALA A 305 -20.43 26.22 -5.30
N GLN A 306 -21.49 25.48 -4.98
CA GLN A 306 -22.73 25.54 -5.74
C GLN A 306 -23.40 26.90 -5.56
N VAL A 307 -23.41 27.42 -4.32
CA VAL A 307 -24.04 28.70 -4.03
C VAL A 307 -23.24 29.81 -4.72
N ALA A 308 -21.90 29.72 -4.68
CA ALA A 308 -21.05 30.69 -5.36
C ALA A 308 -21.43 30.79 -6.83
N TYR A 309 -21.61 29.63 -7.48
CA TYR A 309 -21.96 29.58 -8.89
C TYR A 309 -23.38 30.12 -9.08
N GLY A 310 -24.31 29.66 -8.23
CA GLY A 310 -25.70 30.05 -8.32
C GLY A 310 -25.90 31.57 -8.18
N VAL A 311 -25.25 32.17 -7.18
CA VAL A 311 -25.39 33.59 -6.90
C VAL A 311 -24.97 34.40 -8.13
N LEU A 312 -23.87 33.99 -8.78
CA LEU A 312 -23.35 34.71 -9.93
C LEU A 312 -24.35 34.60 -11.09
N LYS A 313 -24.91 33.41 -11.31
CA LYS A 313 -25.91 33.19 -12.34
C LYS A 313 -27.12 34.09 -12.07
N SER A 314 -27.56 34.15 -10.81
CA SER A 314 -28.74 34.92 -10.43
C SER A 314 -28.50 36.42 -10.65
N GLY A 315 -27.24 36.86 -10.44
CA GLY A 315 -26.86 38.23 -10.70
C GLY A 315 -27.27 39.18 -9.58
N VAL A 316 -27.71 38.63 -8.43
CA VAL A 316 -28.21 39.42 -7.33
C VAL A 316 -27.50 38.96 -6.05
N PRO A 317 -27.39 39.81 -5.00
CA PRO A 317 -26.71 39.41 -3.76
C PRO A 317 -27.30 38.15 -3.12
N PHE A 318 -26.52 37.56 -2.20
CA PHE A 318 -26.91 36.34 -1.51
C PHE A 318 -28.20 36.60 -0.71
N ASP A 319 -29.25 35.83 -1.02
CA ASP A 319 -30.47 35.81 -0.25
C ASP A 319 -30.46 34.59 0.67
N ALA A 320 -30.57 34.83 1.98
CA ALA A 320 -30.50 33.77 2.98
C ALA A 320 -31.78 32.95 2.99
N SER A 321 -32.88 33.54 2.48
CA SER A 321 -34.20 32.92 2.52
C SER A 321 -34.28 31.68 1.63
N ARG A 322 -33.39 31.58 0.63
CA ARG A 322 -33.41 30.47 -0.31
C ARG A 322 -32.90 29.18 0.35
N HIS A 323 -32.28 29.29 1.53
CA HIS A 323 -31.66 28.15 2.19
C HIS A 323 -32.31 27.95 3.57
N ASN A 324 -33.49 27.32 3.58
CA ASN A 324 -34.18 26.97 4.80
C ASN A 324 -35.24 25.91 4.50
N GLU B 6 23.29 0.41 43.46
CA GLU B 6 22.11 1.22 43.88
C GLU B 6 21.63 2.10 42.73
N LEU B 7 21.88 1.66 41.48
CA LEU B 7 21.59 2.46 40.30
C LEU B 7 20.11 2.32 39.95
N HIS B 8 19.41 3.46 39.88
CA HIS B 8 18.04 3.51 39.41
C HIS B 8 18.04 3.62 37.88
N TYR B 9 16.92 3.19 37.27
CA TYR B 9 16.74 3.30 35.83
C TYR B 9 15.49 4.13 35.58
N ILE B 10 15.66 5.26 34.88
CA ILE B 10 14.58 6.21 34.68
C ILE B 10 14.33 6.34 33.18
N GLY B 11 13.04 6.46 32.81
CA GLY B 11 12.64 6.70 31.45
C GLY B 11 11.70 7.89 31.39
N ILE B 12 11.88 8.75 30.38
CA ILE B 12 11.08 9.97 30.25
C ILE B 12 10.51 10.03 28.84
N ASP B 13 9.18 9.94 28.73
CA ASP B 13 8.49 10.29 27.49
C ASP B 13 8.22 11.79 27.54
N THR B 14 8.38 12.45 26.38
CA THR B 14 8.39 13.90 26.31
C THR B 14 7.27 14.37 25.39
N ALA B 15 6.67 15.51 25.75
CA ALA B 15 5.77 16.24 24.87
C ALA B 15 6.05 17.73 25.04
N LYS B 16 5.44 18.55 24.18
CA LYS B 16 5.58 20.00 24.25
C LYS B 16 5.27 20.50 25.65
N GLU B 17 4.18 20.00 26.24
CA GLU B 17 3.59 20.59 27.43
C GLU B 17 4.08 19.90 28.70
N LYS B 18 4.17 18.56 28.69
CA LYS B 18 4.40 17.82 29.92
C LYS B 18 5.37 16.66 29.68
N LEU B 19 6.01 16.22 30.77
CA LEU B 19 6.90 15.06 30.79
C LEU B 19 6.25 13.95 31.61
N ASP B 20 6.53 12.70 31.25
CA ASP B 20 6.12 11.54 32.03
C ASP B 20 7.37 10.79 32.46
N VAL B 21 7.54 10.64 33.78
CA VAL B 21 8.75 10.05 34.35
C VAL B 21 8.38 8.73 35.00
N ASP B 22 9.21 7.71 34.78
CA ASP B 22 9.03 6.38 35.36
C ASP B 22 10.36 5.92 35.93
N VAL B 23 10.46 5.89 37.26
CA VAL B 23 11.66 5.43 37.95
C VAL B 23 11.49 3.95 38.25
N LEU B 24 12.47 3.14 37.82
CA LEU B 24 12.50 1.72 38.14
C LEU B 24 13.57 1.52 39.22
N ARG B 25 13.13 1.07 40.40
CA ARG B 25 14.01 0.95 41.56
C ARG B 25 14.85 -0.32 41.44
N PRO B 26 16.03 -0.41 42.12
CA PRO B 26 16.76 -1.67 42.21
C PRO B 26 15.91 -2.87 42.66
N ASP B 27 15.00 -2.64 43.62
CA ASP B 27 14.16 -3.71 44.16
C ASP B 27 13.22 -4.23 43.08
N GLY B 28 12.70 -3.33 42.24
CA GLY B 28 11.90 -3.73 41.08
C GLY B 28 10.57 -2.99 40.99
N ARG B 29 10.19 -2.27 42.06
CA ARG B 29 8.98 -1.45 42.04
C ARG B 29 9.23 -0.18 41.24
N HIS B 30 8.15 0.48 40.82
CA HIS B 30 8.21 1.70 40.01
C HIS B 30 7.73 2.89 40.82
N ARG B 31 8.24 4.08 40.47
CA ARG B 31 7.70 5.35 40.93
C ARG B 31 7.42 6.21 39.69
N THR B 32 6.19 6.73 39.58
CA THR B 32 5.78 7.48 38.40
C THR B 32 5.24 8.83 38.83
N LYS B 33 5.54 9.86 38.01
CA LYS B 33 5.15 11.24 38.26
C LYS B 33 5.27 12.01 36.96
N LYS B 34 4.37 12.99 36.75
CA LYS B 34 4.40 13.80 35.55
C LYS B 34 4.63 15.26 35.93
N PHE B 35 5.38 15.97 35.06
CA PHE B 35 5.84 17.32 35.32
C PHE B 35 5.57 18.19 34.10
N ALA B 36 5.57 19.51 34.30
CA ALA B 36 5.46 20.46 33.20
C ALA B 36 6.79 20.55 32.48
N ASN B 37 6.76 20.59 31.14
CA ASN B 37 7.97 20.65 30.35
C ASN B 37 8.44 22.12 30.33
N THR B 38 9.05 22.53 31.46
CA THR B 38 9.29 23.93 31.77
C THR B 38 10.48 24.01 32.72
N THR B 39 11.19 25.15 32.71
CA THR B 39 12.35 25.35 33.57
C THR B 39 11.97 25.09 35.03
N LYS B 40 10.81 25.60 35.46
CA LYS B 40 10.26 25.32 36.77
C LYS B 40 10.03 23.81 36.92
N GLY B 41 9.35 23.21 35.93
CA GLY B 41 9.03 21.79 35.95
C GLY B 41 10.26 20.90 36.05
N HIS B 42 11.35 21.31 35.38
CA HIS B 42 12.59 20.54 35.38
C HIS B 42 13.28 20.63 36.74
N ASP B 43 13.08 21.76 37.44
CA ASP B 43 13.62 21.93 38.78
C ASP B 43 12.85 21.07 39.76
N GLU B 44 11.54 20.90 39.52
CA GLU B 44 10.70 20.04 40.35
C GLU B 44 11.14 18.59 40.18
N LEU B 45 11.49 18.19 38.96
CA LEU B 45 11.87 16.81 38.66
C LEU B 45 13.13 16.45 39.46
N VAL B 46 14.13 17.33 39.44
CA VAL B 46 15.39 17.04 40.13
C VAL B 46 15.12 16.97 41.64
N SER B 47 14.33 17.91 42.16
CA SER B 47 13.99 17.92 43.58
C SER B 47 13.26 16.64 43.96
N TRP B 48 12.37 16.17 43.07
CA TRP B 48 11.59 14.96 43.31
C TRP B 48 12.50 13.73 43.36
N LEU B 49 13.52 13.70 42.49
CA LEU B 49 14.48 12.59 42.48
C LEU B 49 15.34 12.64 43.73
N LYS B 50 15.79 13.85 44.12
CA LYS B 50 16.58 14.03 45.32
C LYS B 50 15.71 13.75 46.55
N GLY B 51 14.40 14.00 46.42
CA GLY B 51 13.43 13.67 47.45
C GLY B 51 13.50 12.20 47.86
N HIS B 52 13.52 11.31 46.86
CA HIS B 52 13.54 9.86 47.10
C HIS B 52 14.97 9.35 47.18
N LYS B 53 15.94 10.24 47.45
CA LYS B 53 17.34 9.88 47.60
C LYS B 53 17.81 9.08 46.38
N ILE B 54 17.55 9.61 45.18
CA ILE B 54 18.04 9.00 43.95
C ILE B 54 19.19 9.87 43.45
N ASP B 55 20.42 9.40 43.70
CA ASP B 55 21.63 10.14 43.35
C ASP B 55 22.28 9.50 42.13
N HIS B 56 22.45 8.17 42.17
CA HIS B 56 22.94 7.43 41.02
C HIS B 56 21.75 6.91 40.23
N ALA B 57 21.63 7.35 38.97
CA ALA B 57 20.59 6.88 38.07
C ALA B 57 21.06 6.99 36.63
N HIS B 58 20.39 6.24 35.73
CA HIS B 58 20.64 6.29 34.31
C HIS B 58 19.34 6.63 33.59
N ILE B 59 19.19 7.88 33.16
CA ILE B 59 17.97 8.34 32.50
C ILE B 59 18.06 7.99 31.02
N CYS B 60 16.92 7.57 30.44
CA CYS B 60 16.84 7.25 29.02
C CYS B 60 15.70 8.04 28.39
N ILE B 61 16.01 8.76 27.30
CA ILE B 61 15.07 9.65 26.63
C ILE B 61 15.12 9.35 25.13
N GLU B 62 13.99 9.49 24.44
CA GLU B 62 13.96 9.40 22.99
C GLU B 62 14.46 10.73 22.41
N ALA B 63 15.04 10.66 21.20
CA ALA B 63 15.51 11.85 20.50
C ALA B 63 14.40 12.39 19.61
N THR B 64 13.49 13.18 20.21
CA THR B 64 12.33 13.70 19.50
C THR B 64 12.50 15.18 19.19
N GLY B 65 13.66 15.76 19.56
CA GLY B 65 14.05 17.08 19.07
C GLY B 65 14.00 18.15 20.17
N THR B 66 13.29 19.25 19.87
CA THR B 66 13.40 20.48 20.62
C THR B 66 12.89 20.30 22.05
N TYR B 67 11.84 19.48 22.23
CA TYR B 67 11.10 19.45 23.48
C TYR B 67 11.81 18.59 24.52
N MET B 68 12.79 17.77 24.11
CA MET B 68 13.48 16.88 25.04
C MET B 68 14.89 17.39 25.35
N GLU B 69 15.35 18.45 24.68
CA GLU B 69 16.72 18.90 24.81
C GLU B 69 16.95 19.60 26.15
N PRO B 70 16.12 20.58 26.58
CA PRO B 70 16.33 21.24 27.87
C PRO B 70 16.41 20.31 29.07
N VAL B 71 15.56 19.26 29.12
CA VAL B 71 15.49 18.37 30.28
C VAL B 71 16.71 17.45 30.26
N ALA B 72 17.15 17.03 29.07
CA ALA B 72 18.35 16.22 28.94
C ALA B 72 19.56 16.96 29.49
N GLU B 73 19.65 18.26 29.19
CA GLU B 73 20.74 19.11 29.67
C GLU B 73 20.61 19.31 31.17
N CYS B 74 19.38 19.49 31.66
CA CYS B 74 19.11 19.75 33.06
C CYS B 74 19.62 18.60 33.94
N LEU B 75 19.29 17.36 33.54
CA LEU B 75 19.62 16.18 34.31
C LEU B 75 21.11 15.89 34.20
N TYR B 76 21.69 16.13 33.01
CA TYR B 76 23.11 15.96 32.78
C TYR B 76 23.90 16.87 33.74
N ASP B 77 23.41 18.10 33.95
CA ASP B 77 24.05 19.06 34.83
C ASP B 77 23.81 18.66 36.29
N ALA B 78 22.63 18.09 36.58
CA ALA B 78 22.32 17.59 37.92
C ALA B 78 23.26 16.44 38.30
N GLY B 79 23.87 15.81 37.29
CA GLY B 79 24.90 14.83 37.49
C GLY B 79 24.35 13.40 37.47
N TYR B 80 23.51 13.13 36.45
CA TYR B 80 22.99 11.80 36.20
C TYR B 80 23.49 11.33 34.84
N ILE B 81 23.53 10.00 34.64
CA ILE B 81 23.85 9.44 33.33
C ILE B 81 22.62 9.58 32.45
N VAL B 82 22.75 10.33 31.36
CA VAL B 82 21.65 10.53 30.43
C VAL B 82 21.99 9.78 29.14
N SER B 83 21.00 9.06 28.60
CA SER B 83 21.10 8.45 27.29
C SER B 83 19.98 8.98 26.41
N VAL B 84 20.33 9.41 25.19
CA VAL B 84 19.36 9.96 24.25
C VAL B 84 19.33 9.02 23.06
N ILE B 85 18.29 8.18 22.98
CA ILE B 85 18.30 7.04 22.08
C ILE B 85 17.55 7.39 20.80
N ASN B 86 17.94 6.71 19.70
CA ASN B 86 17.25 6.83 18.43
C ASN B 86 15.84 6.26 18.58
N PRO B 87 14.77 7.00 18.23
CA PRO B 87 13.40 6.54 18.46
C PRO B 87 13.05 5.22 17.77
N ALA B 88 13.73 4.89 16.67
CA ALA B 88 13.48 3.66 15.95
C ALA B 88 13.85 2.45 16.81
N LEU B 89 14.88 2.59 17.65
CA LEU B 89 15.26 1.54 18.58
C LEU B 89 14.15 1.36 19.62
N GLY B 90 13.62 2.48 20.11
CA GLY B 90 12.52 2.47 21.07
C GLY B 90 11.32 1.69 20.54
N LYS B 91 11.00 1.90 19.26
CA LYS B 91 9.85 1.24 18.64
C LYS B 91 10.10 -0.27 18.56
N ALA B 92 11.30 -0.66 18.11
CA ALA B 92 11.68 -2.04 17.98
C ALA B 92 11.68 -2.72 19.35
N PHE B 93 12.09 -1.98 20.39
CA PHE B 93 12.16 -2.54 21.73
C PHE B 93 10.75 -2.80 22.25
N ALA B 94 9.82 -1.87 22.00
CA ALA B 94 8.43 -2.05 22.39
C ALA B 94 7.86 -3.32 21.76
N GLN B 95 8.20 -3.56 20.49
CA GLN B 95 7.72 -4.72 19.76
C GLN B 95 8.34 -5.99 20.32
N SER B 96 9.58 -5.90 20.81
CA SER B 96 10.27 -7.05 21.39
C SER B 96 9.69 -7.40 22.76
N GLU B 97 9.14 -6.39 23.45
CA GLU B 97 8.50 -6.59 24.75
C GLU B 97 7.05 -7.02 24.55
N GLY B 98 6.57 -7.01 23.30
CA GLY B 98 5.23 -7.45 22.97
C GLY B 98 4.18 -6.60 23.68
N LEU B 99 4.25 -5.28 23.47
CA LEU B 99 3.32 -4.34 24.09
C LEU B 99 2.17 -4.09 23.13
N ARG B 100 0.95 -3.98 23.67
CA ARG B 100 -0.26 -3.91 22.86
C ARG B 100 -0.91 -2.53 22.94
N ASN B 101 -0.24 -1.55 23.56
CA ASN B 101 -0.76 -0.20 23.67
C ASN B 101 0.40 0.79 23.59
N LYS B 102 0.11 2.01 23.10
CA LYS B 102 1.06 3.10 23.11
C LYS B 102 0.41 4.30 23.81
N THR B 103 0.91 4.61 25.01
CA THR B 103 0.52 5.81 25.74
C THR B 103 1.79 6.39 26.38
N ASP B 104 1.65 7.56 27.03
CA ASP B 104 2.80 8.28 27.55
C ASP B 104 3.39 7.55 28.76
N THR B 105 2.53 6.94 29.59
CA THR B 105 2.98 6.23 30.78
C THR B 105 3.59 4.88 30.37
N VAL B 106 3.05 4.29 29.29
CA VAL B 106 3.59 3.06 28.72
C VAL B 106 5.00 3.34 28.21
N ASP B 107 5.16 4.43 27.45
CA ASP B 107 6.43 4.79 26.84
C ASP B 107 7.50 5.03 27.91
N ALA B 108 7.16 5.76 28.97
CA ALA B 108 8.12 6.08 30.02
C ALA B 108 8.60 4.81 30.72
N ARG B 109 7.69 3.86 30.93
CA ARG B 109 8.00 2.58 31.55
C ARG B 109 8.88 1.75 30.62
N MET B 110 8.58 1.82 29.32
CA MET B 110 9.31 1.09 28.30
C MET B 110 10.75 1.57 28.24
N LEU B 111 10.95 2.90 28.40
CA LEU B 111 12.27 3.50 28.31
C LEU B 111 13.13 3.13 29.52
N ALA B 112 12.50 2.97 30.69
CA ALA B 112 13.22 2.54 31.88
C ALA B 112 13.72 1.11 31.72
N GLU B 113 12.90 0.25 31.09
CA GLU B 113 13.28 -1.12 30.80
C GLU B 113 14.37 -1.15 29.73
N PHE B 114 14.20 -0.36 28.67
CA PHE B 114 15.21 -0.22 27.64
C PHE B 114 16.56 0.07 28.31
N CYS B 115 16.54 1.02 29.25
CA CYS B 115 17.75 1.50 29.90
C CYS B 115 18.43 0.37 30.68
N ARG B 116 17.63 -0.43 31.39
CA ARG B 116 18.15 -1.49 32.26
C ARG B 116 18.73 -2.62 31.42
N GLN B 117 17.97 -3.07 30.40
CA GLN B 117 18.32 -4.27 29.66
C GLN B 117 19.52 -4.02 28.75
N LYS B 118 19.66 -2.80 28.22
CA LYS B 118 20.61 -2.53 27.15
C LYS B 118 21.78 -1.66 27.62
N ARG B 119 21.59 -0.88 28.69
CA ARG B 119 22.63 -0.03 29.26
C ARG B 119 23.26 0.82 28.14
N PRO B 120 22.53 1.79 27.55
CA PRO B 120 23.04 2.53 26.40
C PRO B 120 24.21 3.45 26.72
N ALA B 121 24.96 3.85 25.68
CA ALA B 121 26.10 4.74 25.83
C ALA B 121 25.62 6.12 26.28
N ALA B 122 26.41 6.75 27.16
CA ALA B 122 26.03 8.01 27.78
C ALA B 122 26.07 9.13 26.74
N TRP B 123 25.16 10.10 26.89
CA TRP B 123 25.01 11.21 25.97
C TRP B 123 25.79 12.41 26.48
N GLU B 124 26.52 13.06 25.56
CA GLU B 124 27.30 14.25 25.88
C GLU B 124 26.64 15.45 25.21
N ALA B 125 26.31 16.47 26.01
CA ALA B 125 25.73 17.70 25.48
C ALA B 125 26.74 18.38 24.56
N PRO B 126 26.35 18.77 23.32
CA PRO B 126 27.30 19.34 22.37
C PRO B 126 27.82 20.70 22.78
N HIS B 127 28.99 21.08 22.24
CA HIS B 127 29.62 22.35 22.51
C HIS B 127 28.75 23.46 21.91
N PRO B 128 28.58 24.64 22.58
CA PRO B 128 27.72 25.69 22.03
C PRO B 128 28.09 26.15 20.61
N LEU B 129 29.38 26.08 20.26
CA LEU B 129 29.81 26.39 18.90
C LEU B 129 29.31 25.31 17.93
N GLU B 130 29.34 24.04 18.36
CA GLU B 130 28.88 22.94 17.53
C GLU B 130 27.39 23.09 17.24
N ARG B 131 26.61 23.56 18.24
CA ARG B 131 25.20 23.82 18.05
C ARG B 131 25.00 25.01 17.12
N ALA B 132 25.79 26.07 17.32
CA ALA B 132 25.70 27.27 16.50
C ALA B 132 25.94 26.93 15.03
N LEU B 133 27.03 26.20 14.75
CA LEU B 133 27.42 25.89 13.38
C LEU B 133 26.33 25.03 12.72
N ARG B 134 25.85 24.02 13.44
CA ARG B 134 24.82 23.11 12.92
C ARG B 134 23.57 23.92 12.55
N ALA B 135 23.18 24.84 13.42
CA ALA B 135 21.97 25.63 13.22
C ALA B 135 22.08 26.45 11.94
N LEU B 136 23.23 27.13 11.75
CA LEU B 136 23.45 27.98 10.60
C LEU B 136 23.47 27.14 9.32
N VAL B 137 24.12 25.97 9.39
CA VAL B 137 24.27 25.11 8.22
C VAL B 137 22.91 24.61 7.76
N VAL B 138 22.06 24.16 8.70
CA VAL B 138 20.77 23.58 8.32
C VAL B 138 19.84 24.70 7.86
N ARG B 139 20.04 25.92 8.38
CA ARG B 139 19.31 27.08 7.93
C ARG B 139 19.71 27.41 6.49
N HIS B 140 21.02 27.36 6.22
CA HIS B 140 21.54 27.61 4.88
C HIS B 140 20.94 26.61 3.89
N GLN B 141 20.71 25.37 4.35
CA GLN B 141 20.12 24.33 3.51
C GLN B 141 18.65 24.66 3.25
N ALA B 142 17.94 25.16 4.26
CA ALA B 142 16.53 25.49 4.13
C ALA B 142 16.34 26.58 3.06
N LEU B 143 17.20 27.60 3.09
CA LEU B 143 17.11 28.72 2.17
C LEU B 143 17.48 28.28 0.75
N THR B 144 18.43 27.35 0.64
CA THR B 144 18.83 26.83 -0.66
C THR B 144 17.64 26.12 -1.31
N ASP B 145 16.90 25.35 -0.52
CA ASP B 145 15.73 24.63 -1.02
C ASP B 145 14.69 25.63 -1.54
N MET B 146 14.47 26.73 -0.79
CA MET B 146 13.50 27.73 -1.20
C MET B 146 13.97 28.46 -2.45
N HIS B 147 15.29 28.64 -2.60
CA HIS B 147 15.84 29.28 -3.78
C HIS B 147 15.66 28.37 -5.00
N THR B 148 15.79 27.05 -4.80
CA THR B 148 15.68 26.10 -5.88
C THR B 148 14.23 26.00 -6.35
N GLN B 149 13.30 26.08 -5.39
CA GLN B 149 11.87 26.08 -5.68
C GLN B 149 11.53 27.23 -6.62
N GLU B 150 12.05 28.43 -6.29
CA GLU B 150 11.72 29.64 -7.04
C GLU B 150 12.39 29.61 -8.42
N LEU B 151 13.56 28.96 -8.52
CA LEU B 151 14.24 28.81 -9.81
C LEU B 151 13.42 27.92 -10.74
N ASN B 152 12.89 26.81 -10.22
CA ASN B 152 12.03 25.94 -10.99
C ASN B 152 10.84 26.74 -11.54
N ARG B 153 10.33 27.69 -10.74
CA ARG B 153 9.13 28.42 -11.11
C ARG B 153 9.38 29.38 -12.28
N THR B 154 10.62 29.85 -12.44
CA THR B 154 10.94 30.77 -13.53
C THR B 154 10.75 30.05 -14.88
N GLU B 155 10.97 28.74 -14.90
CA GLU B 155 10.86 27.93 -16.10
C GLU B 155 9.48 28.09 -16.74
N THR B 156 8.42 28.01 -15.93
CA THR B 156 7.05 27.96 -16.42
C THR B 156 6.22 29.11 -15.86
N ALA B 157 6.88 30.21 -15.47
CA ALA B 157 6.18 31.33 -14.86
C ALA B 157 5.36 32.07 -15.92
N ARG B 158 4.22 32.62 -15.48
CA ARG B 158 3.48 33.59 -16.29
C ARG B 158 4.16 34.94 -16.13
N GLU B 159 3.98 35.82 -17.12
CA GLU B 159 4.69 37.09 -17.15
C GLU B 159 4.30 37.99 -15.97
N VAL B 160 3.06 37.84 -15.47
CA VAL B 160 2.58 38.67 -14.38
C VAL B 160 3.15 38.18 -13.05
N GLN B 161 3.69 36.95 -13.03
CA GLN B 161 4.24 36.35 -11.82
C GLN B 161 5.74 36.60 -11.71
N ARG B 162 6.40 36.90 -12.84
CA ARG B 162 7.85 36.96 -12.89
C ARG B 162 8.40 38.08 -11.98
N PRO B 163 7.81 39.29 -11.92
CA PRO B 163 8.30 40.31 -10.99
C PRO B 163 8.42 39.84 -9.55
N SER B 164 7.43 39.05 -9.10
CA SER B 164 7.38 38.55 -7.73
C SER B 164 8.48 37.53 -7.50
N ILE B 165 8.65 36.60 -8.46
CA ILE B 165 9.62 35.52 -8.32
C ILE B 165 11.03 36.10 -8.36
N ASP B 166 11.27 37.03 -9.29
CA ASP B 166 12.56 37.68 -9.44
C ASP B 166 12.95 38.40 -8.15
N ALA B 167 12.00 39.14 -7.56
CA ALA B 167 12.25 39.87 -6.33
C ALA B 167 12.67 38.90 -5.22
N HIS B 168 11.97 37.76 -5.12
CA HIS B 168 12.21 36.79 -4.05
C HIS B 168 13.58 36.15 -4.23
N LEU B 169 13.94 35.82 -5.48
CA LEU B 169 15.23 35.21 -5.79
C LEU B 169 16.37 36.15 -5.36
N LEU B 170 16.20 37.47 -5.57
CA LEU B 170 17.22 38.42 -5.14
C LEU B 170 17.36 38.40 -3.63
N TRP B 171 16.22 38.37 -2.91
CA TRP B 171 16.24 38.38 -1.47
C TRP B 171 16.97 37.14 -0.95
N LEU B 172 16.65 35.98 -1.54
CA LEU B 172 17.18 34.70 -1.08
C LEU B 172 18.68 34.63 -1.35
N GLU B 173 19.11 35.13 -2.51
CA GLU B 173 20.53 35.15 -2.87
C GLU B 173 21.30 35.99 -1.87
N ALA B 174 20.77 37.17 -1.54
CA ALA B 174 21.41 38.10 -0.61
C ALA B 174 21.50 37.46 0.77
N GLU B 175 20.46 36.71 1.16
CA GLU B 175 20.37 36.13 2.50
C GLU B 175 21.38 35.00 2.62
N LEU B 176 21.48 34.18 1.56
CA LEU B 176 22.43 33.07 1.52
C LEU B 176 23.86 33.60 1.66
N LYS B 177 24.15 34.76 1.05
CA LYS B 177 25.48 35.36 1.12
C LYS B 177 25.82 35.73 2.56
N ARG B 178 24.92 36.43 3.26
CA ARG B 178 25.23 36.93 4.59
C ARG B 178 25.34 35.77 5.56
N LEU B 179 24.66 34.66 5.27
CA LEU B 179 24.66 33.50 6.14
C LEU B 179 25.94 32.69 5.91
N GLU B 180 26.42 32.66 4.67
CA GLU B 180 27.70 32.06 4.35
C GLU B 180 28.82 32.81 5.07
N LYS B 181 28.71 34.15 5.13
CA LYS B 181 29.69 34.97 5.81
C LYS B 181 29.61 34.71 7.32
N GLN B 182 28.39 34.55 7.84
CA GLN B 182 28.17 34.29 9.25
C GLN B 182 28.85 32.98 9.65
N ILE B 183 28.74 31.96 8.79
CA ILE B 183 29.36 30.67 9.01
C ILE B 183 30.88 30.82 8.99
N LYS B 184 31.40 31.61 8.04
CA LYS B 184 32.84 31.81 7.89
C LYS B 184 33.41 32.52 9.12
N ASP B 185 32.67 33.51 9.64
CA ASP B 185 33.10 34.25 10.81
C ASP B 185 33.17 33.33 12.03
N LEU B 186 32.22 32.38 12.12
CA LEU B 186 32.14 31.49 13.27
C LEU B 186 33.35 30.58 13.30
N THR B 187 33.70 29.99 12.15
CA THR B 187 34.78 29.01 12.08
C THR B 187 36.13 29.71 12.21
N ASP B 188 36.24 30.96 11.73
CA ASP B 188 37.48 31.69 11.79
C ASP B 188 37.81 32.13 13.21
N ASP B 189 36.78 32.47 14.00
CA ASP B 189 36.98 33.03 15.32
C ASP B 189 37.58 31.99 16.26
N ASP B 190 37.08 30.74 16.18
CA ASP B 190 37.64 29.64 16.96
C ASP B 190 38.84 29.06 16.22
N PRO B 191 40.04 28.97 16.85
CA PRO B 191 41.23 28.54 16.14
C PRO B 191 41.21 27.07 15.71
N ASP B 192 40.47 26.23 16.44
CA ASP B 192 40.36 24.81 16.13
C ASP B 192 39.55 24.62 14.86
N MET B 193 38.34 25.20 14.81
CA MET B 193 37.44 25.01 13.68
C MET B 193 38.08 25.58 12.41
N LYS B 194 38.81 26.69 12.56
CA LYS B 194 39.52 27.30 11.45
C LYS B 194 40.51 26.30 10.86
N HIS B 195 41.26 25.62 11.73
CA HIS B 195 42.28 24.66 11.32
C HIS B 195 41.62 23.44 10.66
N ARG B 196 40.58 22.91 11.30
CA ARG B 196 39.93 21.69 10.84
C ARG B 196 39.28 21.94 9.48
N ARG B 197 38.67 23.12 9.30
CA ARG B 197 38.00 23.46 8.06
C ARG B 197 39.04 23.58 6.94
N LYS B 198 40.21 24.14 7.26
CA LYS B 198 41.30 24.29 6.30
C LYS B 198 41.77 22.92 5.83
N LEU B 199 41.76 21.93 6.73
CA LEU B 199 42.13 20.56 6.40
C LEU B 199 41.10 19.96 5.46
N LEU B 200 39.80 20.15 5.76
CA LEU B 200 38.72 19.56 4.99
C LEU B 200 38.77 20.07 3.55
N GLU B 201 39.09 21.36 3.37
CA GLU B 201 39.06 21.98 2.06
C GLU B 201 40.23 21.48 1.21
N SER B 202 41.29 20.95 1.84
CA SER B 202 42.45 20.44 1.14
C SER B 202 42.09 19.22 0.30
N ILE B 203 41.01 18.52 0.66
CA ILE B 203 40.54 17.37 -0.09
C ILE B 203 39.97 17.88 -1.41
N PRO B 204 40.48 17.43 -2.59
CA PRO B 204 39.91 17.85 -3.86
C PRO B 204 38.52 17.26 -4.09
N GLY B 205 37.54 18.13 -4.29
CA GLY B 205 36.14 17.75 -4.35
C GLY B 205 35.33 18.34 -3.18
N ILE B 206 36.03 18.87 -2.17
CA ILE B 206 35.37 19.49 -1.01
C ILE B 206 35.78 20.95 -0.97
N GLY B 207 34.78 21.84 -0.85
CA GLY B 207 34.98 23.28 -0.89
C GLY B 207 34.32 23.95 0.32
N GLU B 208 34.10 25.27 0.20
CA GLU B 208 33.62 26.09 1.31
C GLU B 208 32.33 25.52 1.89
N LYS B 209 31.37 25.19 1.02
CA LYS B 209 30.04 24.79 1.48
C LYS B 209 30.10 23.43 2.17
N THR B 210 30.75 22.45 1.54
CA THR B 210 30.75 21.08 2.04
C THR B 210 31.54 21.04 3.35
N SER B 211 32.67 21.77 3.41
CA SER B 211 33.52 21.74 4.59
C SER B 211 32.72 22.12 5.84
N ALA B 212 31.87 23.16 5.71
CA ALA B 212 31.07 23.63 6.83
C ALA B 212 30.05 22.58 7.26
N VAL B 213 29.50 21.81 6.30
CA VAL B 213 28.50 20.80 6.61
C VAL B 213 29.19 19.66 7.35
N LEU B 214 30.32 19.18 6.80
CA LEU B 214 31.07 18.09 7.40
C LEU B 214 31.50 18.45 8.82
N LEU B 215 31.90 19.71 9.02
CA LEU B 215 32.40 20.17 10.31
C LEU B 215 31.26 20.28 11.32
N ALA B 216 30.03 20.50 10.82
CA ALA B 216 28.86 20.64 11.68
C ALA B 216 28.49 19.29 12.32
N TYR B 217 28.88 18.18 11.68
CA TYR B 217 28.47 16.85 12.11
C TYR B 217 29.64 16.10 12.75
N ILE B 218 30.88 16.40 12.35
CA ILE B 218 32.05 15.81 13.00
C ILE B 218 32.29 16.54 14.32
N GLY B 219 32.10 17.87 14.33
CA GLY B 219 32.33 18.66 15.54
C GLY B 219 33.80 19.03 15.68
N LEU B 220 34.21 19.38 16.91
CA LEU B 220 35.59 19.78 17.18
C LEU B 220 36.29 18.73 18.03
N LYS B 221 35.75 17.50 18.04
CA LYS B 221 36.36 16.36 18.69
C LYS B 221 36.25 15.14 17.79
N ASP B 222 37.10 14.13 18.03
CA ASP B 222 37.07 12.88 17.29
C ASP B 222 36.23 11.87 18.06
N ARG B 223 34.95 11.77 17.72
CA ARG B 223 33.97 11.01 18.47
C ARG B 223 33.83 9.59 17.91
N PHE B 224 34.38 9.35 16.72
CA PHE B 224 34.26 8.05 16.06
C PHE B 224 35.60 7.34 16.14
N ALA B 225 35.57 6.03 16.43
CA ALA B 225 36.78 5.22 16.52
C ALA B 225 37.37 5.01 15.12
N HIS B 226 36.50 4.69 14.14
CA HIS B 226 36.92 4.41 12.79
C HIS B 226 36.19 5.34 11.81
N ALA B 227 36.88 5.68 10.71
CA ALA B 227 36.31 6.52 9.66
C ALA B 227 35.06 5.87 9.07
N ARG B 228 35.03 4.53 9.08
CA ARG B 228 33.90 3.78 8.54
C ARG B 228 32.63 4.10 9.31
N GLN B 229 32.76 4.39 10.61
CA GLN B 229 31.61 4.64 11.47
C GLN B 229 30.96 5.98 11.09
N PHE B 230 31.79 6.97 10.75
CA PHE B 230 31.27 8.26 10.33
C PHE B 230 30.54 8.13 8.99
N ALA B 231 31.03 7.26 8.11
CA ALA B 231 30.33 6.99 6.86
C ALA B 231 28.98 6.33 7.13
N ALA B 232 28.93 5.42 8.11
CA ALA B 232 27.68 4.79 8.52
C ALA B 232 26.74 5.83 9.15
N PHE B 233 27.32 6.80 9.87
CA PHE B 233 26.55 7.82 10.57
C PHE B 233 25.81 8.73 9.59
N ALA B 234 26.32 8.85 8.35
CA ALA B 234 25.67 9.64 7.31
C ALA B 234 24.67 8.79 6.52
N GLY B 235 24.68 7.47 6.75
CA GLY B 235 23.79 6.55 6.05
C GLY B 235 24.29 6.23 4.65
N LEU B 236 25.62 6.13 4.49
CA LEU B 236 26.25 6.00 3.20
C LEU B 236 26.84 4.60 2.99
N THR B 237 26.94 3.80 4.05
CA THR B 237 27.49 2.45 3.93
C THR B 237 26.38 1.54 3.40
N PRO B 238 26.70 0.48 2.61
CA PRO B 238 25.68 -0.41 2.09
C PRO B 238 25.07 -1.34 3.14
N ARG B 239 23.92 -1.92 2.80
CA ARG B 239 23.22 -2.85 3.65
C ARG B 239 22.57 -3.92 2.78
N ARG B 240 22.72 -5.20 3.17
CA ARG B 240 22.09 -6.30 2.46
C ARG B 240 20.59 -6.30 2.78
N TYR B 241 19.76 -6.03 1.77
CA TYR B 241 18.32 -5.93 1.93
C TYR B 241 17.63 -6.25 0.60
N ALA B 250 22.19 -8.44 -3.36
CA ALA B 250 21.23 -7.32 -3.60
C ALA B 250 21.32 -6.32 -2.45
N SER B 251 22.44 -5.60 -2.37
CA SER B 251 22.68 -4.64 -1.30
C SER B 251 22.33 -3.24 -1.77
N ARG B 252 21.83 -2.42 -0.83
CA ARG B 252 21.40 -1.06 -1.09
C ARG B 252 22.15 -0.13 -0.14
N MET B 253 22.16 1.17 -0.47
CA MET B 253 22.60 2.20 0.47
C MET B 253 21.61 2.23 1.63
N SER B 254 22.11 2.17 2.87
CA SER B 254 21.27 2.00 4.04
C SER B 254 20.36 3.21 4.25
N LYS B 255 20.94 4.42 4.12
CA LYS B 255 20.23 5.68 4.31
C LYS B 255 19.82 5.87 5.76
N ALA B 256 20.30 4.99 6.67
CA ALA B 256 20.07 5.16 8.09
C ALA B 256 21.11 6.13 8.66
N GLY B 257 20.84 7.43 8.51
CA GLY B 257 21.75 8.45 9.01
C GLY B 257 21.33 9.85 8.55
N HIS B 258 22.11 10.85 8.95
CA HIS B 258 21.75 12.24 8.74
C HIS B 258 21.60 12.54 7.24
N VAL B 259 20.48 13.16 6.89
CA VAL B 259 20.13 13.49 5.52
C VAL B 259 20.94 14.71 5.07
N SER B 260 21.19 15.63 6.01
CA SER B 260 21.96 16.84 5.74
C SER B 260 23.36 16.49 5.24
N LEU B 261 23.99 15.47 5.85
CA LEU B 261 25.29 15.00 5.39
C LEU B 261 25.17 14.38 4.01
N ARG B 262 24.17 13.50 3.85
CA ARG B 262 24.05 12.69 2.66
C ARG B 262 23.69 13.56 1.46
N ARG B 263 22.99 14.67 1.69
CA ARG B 263 22.59 15.56 0.60
C ARG B 263 23.77 16.44 0.20
N ALA B 264 24.69 16.70 1.15
CA ALA B 264 25.75 17.67 0.95
C ALA B 264 26.91 17.11 0.12
N LEU B 265 27.00 15.78 0.03
CA LEU B 265 28.19 15.14 -0.52
C LEU B 265 27.98 14.71 -1.98
N TYR B 266 26.76 14.88 -2.51
CA TYR B 266 26.42 14.35 -3.82
C TYR B 266 27.14 15.12 -4.93
N MET B 267 27.13 16.46 -4.86
CA MET B 267 27.79 17.26 -5.88
C MET B 267 29.30 17.17 -5.72
N PRO B 268 29.88 17.27 -4.50
CA PRO B 268 31.28 16.92 -4.29
C PRO B 268 31.72 15.61 -4.95
N ALA B 269 30.86 14.58 -4.92
CA ALA B 269 31.16 13.29 -5.51
C ALA B 269 31.21 13.38 -7.03
N MET B 270 30.33 14.20 -7.62
CA MET B 270 30.34 14.40 -9.07
C MET B 270 31.61 15.15 -9.47
N VAL B 271 32.00 16.17 -8.69
CA VAL B 271 33.18 16.96 -9.00
C VAL B 271 34.42 16.07 -8.85
N ALA B 272 34.41 15.18 -7.85
CA ALA B 272 35.55 14.32 -7.58
C ALA B 272 35.74 13.33 -8.74
N THR B 273 34.68 12.58 -9.09
CA THR B 273 34.79 11.51 -10.07
C THR B 273 35.01 12.08 -11.47
N SER B 274 34.80 13.39 -11.66
CA SER B 274 34.89 14.00 -12.97
C SER B 274 36.18 14.82 -13.13
N LYS B 275 36.50 15.65 -12.14
CA LYS B 275 37.47 16.72 -12.33
C LYS B 275 38.78 16.45 -11.59
N THR B 276 38.81 15.48 -10.67
CA THR B 276 39.98 15.25 -9.84
C THR B 276 40.69 13.97 -10.27
N GLU B 277 41.99 13.89 -9.98
CA GLU B 277 42.83 12.76 -10.35
C GLU B 277 42.43 11.53 -9.53
N TRP B 278 42.36 11.69 -8.20
CA TRP B 278 42.11 10.58 -7.29
C TRP B 278 40.66 10.09 -7.43
N GLY B 279 39.75 10.99 -7.82
CA GLY B 279 38.36 10.65 -8.04
C GLY B 279 38.16 9.87 -9.34
N ARG B 280 38.73 10.39 -10.43
CA ARG B 280 38.66 9.74 -11.74
C ARG B 280 39.25 8.32 -11.64
N ALA B 281 40.37 8.19 -10.92
CA ALA B 281 40.99 6.90 -10.66
C ALA B 281 39.97 5.92 -10.09
N PHE B 282 39.21 6.36 -9.07
CA PHE B 282 38.24 5.52 -8.41
C PHE B 282 37.06 5.23 -9.34
N ARG B 283 36.66 6.23 -10.15
CA ARG B 283 35.55 6.11 -11.07
C ARG B 283 35.88 5.07 -12.15
N ASP B 284 37.09 5.16 -12.71
CA ASP B 284 37.55 4.27 -13.77
C ASP B 284 37.51 2.82 -13.30
N ARG B 285 38.01 2.57 -12.08
CA ARG B 285 38.18 1.23 -11.56
C ARG B 285 36.83 0.53 -11.40
N LEU B 286 35.83 1.25 -10.88
CA LEU B 286 34.51 0.66 -10.65
C LEU B 286 33.79 0.49 -11.98
N ALA B 287 33.98 1.45 -12.90
CA ALA B 287 33.37 1.40 -14.22
C ALA B 287 33.79 0.12 -14.96
N ALA B 288 35.03 -0.32 -14.74
CA ALA B 288 35.55 -1.55 -15.32
C ALA B 288 34.73 -2.76 -14.86
N ASN B 289 34.28 -2.74 -13.59
CA ASN B 289 33.50 -3.83 -13.02
C ASN B 289 32.01 -3.69 -13.37
N GLY B 290 31.69 -2.79 -14.31
CA GLY B 290 30.35 -2.72 -14.88
C GLY B 290 29.38 -1.96 -13.98
N LYS B 291 29.92 -1.11 -13.08
CA LYS B 291 29.09 -0.36 -12.14
C LYS B 291 28.51 0.85 -12.86
N LYS B 292 27.27 1.21 -12.48
CA LYS B 292 26.55 2.30 -13.12
C LYS B 292 27.01 3.64 -12.53
N GLY B 293 26.70 4.73 -13.23
CA GLY B 293 27.12 6.06 -12.85
C GLY B 293 26.68 6.45 -11.44
N LYS B 294 25.39 6.25 -11.15
CA LYS B 294 24.82 6.59 -9.85
C LYS B 294 25.40 5.71 -8.76
N VAL B 295 25.73 4.45 -9.10
CA VAL B 295 26.31 3.51 -8.15
C VAL B 295 27.71 4.00 -7.76
N ILE B 296 28.44 4.54 -8.73
CA ILE B 296 29.80 5.03 -8.50
C ILE B 296 29.74 6.27 -7.63
N LEU B 297 28.75 7.15 -7.88
CA LEU B 297 28.57 8.35 -7.08
C LEU B 297 28.24 7.96 -5.64
N GLY B 298 27.32 7.01 -5.47
CA GLY B 298 27.01 6.45 -4.16
C GLY B 298 28.29 6.03 -3.43
N ALA B 299 29.17 5.33 -4.14
CA ALA B 299 30.41 4.83 -3.56
C ALA B 299 31.35 5.98 -3.21
N MET B 300 31.41 7.01 -4.06
CA MET B 300 32.31 8.13 -3.85
C MET B 300 31.85 8.99 -2.68
N MET B 301 30.52 9.10 -2.50
CA MET B 301 29.96 9.82 -1.37
C MET B 301 30.45 9.18 -0.07
N ARG B 302 30.41 7.83 -0.01
CA ARG B 302 30.88 7.09 1.15
C ARG B 302 32.38 7.34 1.35
N LYS B 303 33.13 7.40 0.25
CA LYS B 303 34.57 7.58 0.29
C LYS B 303 34.92 8.97 0.81
N LEU B 304 34.24 10.01 0.31
CA LEU B 304 34.51 11.38 0.72
C LEU B 304 34.30 11.53 2.22
N ALA B 305 33.25 10.88 2.75
CA ALA B 305 32.94 10.91 4.16
C ALA B 305 34.10 10.32 4.98
N GLN B 306 34.60 9.15 4.57
CA GLN B 306 35.66 8.46 5.28
C GLN B 306 36.96 9.28 5.24
N VAL B 307 37.29 9.81 4.06
CA VAL B 307 38.52 10.58 3.90
C VAL B 307 38.42 11.85 4.73
N ALA B 308 37.23 12.49 4.73
CA ALA B 308 37.00 13.70 5.51
C ALA B 308 37.34 13.46 6.97
N TYR B 309 36.89 12.32 7.52
CA TYR B 309 37.14 11.99 8.91
C TYR B 309 38.58 11.53 9.08
N GLY B 310 39.07 10.74 8.12
CA GLY B 310 40.46 10.30 8.10
C GLY B 310 41.44 11.47 8.19
N VAL B 311 41.23 12.48 7.35
CA VAL B 311 42.13 13.63 7.23
C VAL B 311 42.16 14.39 8.57
N LEU B 312 41.00 14.55 9.21
CA LEU B 312 40.92 15.30 10.45
C LEU B 312 41.63 14.53 11.55
N LYS B 313 41.44 13.20 11.58
CA LYS B 313 42.06 12.34 12.58
C LYS B 313 43.58 12.34 12.36
N SER B 314 44.02 12.41 11.10
CA SER B 314 45.44 12.44 10.78
C SER B 314 46.04 13.78 11.23
N GLY B 315 45.32 14.88 10.96
CA GLY B 315 45.73 16.20 11.40
C GLY B 315 46.63 16.90 10.39
N VAL B 316 46.79 16.30 9.19
CA VAL B 316 47.66 16.85 8.16
C VAL B 316 46.86 16.92 6.85
N PRO B 317 47.15 17.87 5.93
CA PRO B 317 46.40 18.01 4.68
C PRO B 317 46.32 16.73 3.85
N PHE B 318 45.38 16.72 2.90
CA PHE B 318 45.13 15.58 2.03
C PHE B 318 46.40 15.23 1.27
N ASP B 319 46.94 14.03 1.54
CA ASP B 319 48.06 13.48 0.81
C ASP B 319 47.51 12.58 -0.30
N ALA B 320 47.76 12.95 -1.56
CA ALA B 320 47.24 12.24 -2.71
C ALA B 320 47.91 10.87 -2.85
N SER B 321 49.17 10.77 -2.44
CA SER B 321 49.95 9.54 -2.52
C SER B 321 49.20 8.37 -1.89
N ARG B 322 48.45 8.66 -0.82
CA ARG B 322 47.77 7.63 -0.04
C ARG B 322 46.64 7.00 -0.85
N HIS B 323 46.21 7.67 -1.93
CA HIS B 323 45.14 7.19 -2.78
C HIS B 323 45.70 6.86 -4.17
N ASN B 324 44.83 6.38 -5.07
CA ASN B 324 45.19 5.98 -6.42
C ASN B 324 46.01 4.68 -6.34
N LEU C 7 24.35 -19.72 35.96
CA LEU C 7 23.27 -19.98 34.97
C LEU C 7 23.76 -19.61 33.57
N HIS C 8 23.60 -20.54 32.63
CA HIS C 8 23.96 -20.34 31.24
C HIS C 8 22.73 -19.82 30.48
N TYR C 9 22.97 -19.20 29.32
CA TYR C 9 21.90 -18.75 28.45
C TYR C 9 22.17 -19.32 27.06
N ILE C 10 21.24 -20.17 26.59
CA ILE C 10 21.44 -20.93 25.37
C ILE C 10 20.39 -20.50 24.35
N GLY C 11 20.83 -20.28 23.11
CA GLY C 11 19.95 -20.01 21.99
C GLY C 11 20.05 -21.13 20.97
N ILE C 12 18.90 -21.58 20.44
CA ILE C 12 18.88 -22.62 19.43
C ILE C 12 18.15 -22.08 18.20
N ASP C 13 18.87 -21.98 17.08
CA ASP C 13 18.26 -21.76 15.78
C ASP C 13 17.85 -23.13 15.24
N THR C 14 16.68 -23.20 14.59
CA THR C 14 16.08 -24.48 14.22
C THR C 14 15.76 -24.47 12.73
N ALA C 15 16.00 -25.63 12.09
CA ALA C 15 15.54 -25.93 10.75
C ALA C 15 14.97 -27.34 10.75
N LYS C 16 14.48 -27.82 9.59
CA LYS C 16 13.99 -29.19 9.47
C LYS C 16 15.07 -30.19 9.90
N GLU C 17 16.29 -30.00 9.39
CA GLU C 17 17.31 -31.03 9.43
C GLU C 17 18.36 -30.70 10.50
N LYS C 18 18.73 -29.42 10.64
CA LYS C 18 19.84 -29.02 11.49
C LYS C 18 19.38 -28.11 12.62
N LEU C 19 20.04 -28.25 13.78
CA LEU C 19 19.94 -27.31 14.88
C LEU C 19 21.27 -26.59 15.03
N ASP C 20 21.24 -25.26 15.20
CA ASP C 20 22.42 -24.48 15.50
C ASP C 20 22.29 -23.96 16.93
N VAL C 21 23.29 -24.27 17.78
CA VAL C 21 23.23 -23.97 19.20
C VAL C 21 24.34 -22.97 19.53
N ASP C 22 24.04 -22.05 20.46
CA ASP C 22 25.01 -21.09 20.97
C ASP C 22 24.82 -20.93 22.47
N VAL C 23 25.82 -21.38 23.25
CA VAL C 23 25.79 -21.22 24.70
C VAL C 23 26.49 -19.90 25.03
N LEU C 24 25.96 -19.18 26.03
CA LEU C 24 26.59 -17.98 26.55
C LEU C 24 26.93 -18.23 28.01
N ARG C 25 28.24 -18.23 28.31
CA ARG C 25 28.74 -18.63 29.62
C ARG C 25 28.66 -17.44 30.57
N PRO C 26 28.55 -17.65 31.91
CA PRO C 26 28.56 -16.53 32.86
C PRO C 26 29.73 -15.58 32.68
N ASP C 27 30.91 -16.11 32.33
CA ASP C 27 32.12 -15.32 32.16
C ASP C 27 31.99 -14.42 30.93
N GLY C 28 31.19 -14.85 29.94
CA GLY C 28 30.91 -14.04 28.76
C GLY C 28 31.39 -14.69 27.46
N ARG C 29 32.11 -15.82 27.57
CA ARG C 29 32.57 -16.57 26.41
C ARG C 29 31.44 -17.43 25.87
N HIS C 30 31.61 -17.92 24.63
CA HIS C 30 30.58 -18.68 23.93
C HIS C 30 31.06 -20.09 23.61
N ARG C 31 30.10 -21.03 23.55
CA ARG C 31 30.32 -22.34 22.97
C ARG C 31 29.26 -22.56 21.89
N THR C 32 29.69 -22.98 20.69
CA THR C 32 28.80 -23.20 19.57
C THR C 32 29.00 -24.61 19.02
N LYS C 33 27.91 -25.22 18.56
CA LYS C 33 27.92 -26.57 18.00
C LYS C 33 26.63 -26.77 17.19
N LYS C 34 26.72 -27.51 16.09
CA LYS C 34 25.57 -27.86 15.27
C LYS C 34 25.17 -29.31 15.53
N PHE C 35 23.89 -29.61 15.36
CA PHE C 35 23.35 -30.94 15.60
C PHE C 35 22.31 -31.26 14.53
N ALA C 36 22.03 -32.57 14.35
CA ALA C 36 20.93 -33.01 13.51
C ALA C 36 19.63 -32.89 14.30
N ASN C 37 18.57 -32.42 13.63
CA ASN C 37 17.26 -32.25 14.26
C ASN C 37 16.55 -33.60 14.26
N THR C 38 17.10 -34.54 15.04
CA THR C 38 16.63 -35.92 15.11
C THR C 38 16.71 -36.38 16.57
N THR C 39 16.10 -37.53 16.86
CA THR C 39 16.14 -38.10 18.20
C THR C 39 17.58 -38.35 18.62
N LYS C 40 18.43 -38.76 17.66
CA LYS C 40 19.85 -38.99 17.92
C LYS C 40 20.51 -37.67 18.31
N GLY C 41 20.34 -36.64 17.47
CA GLY C 41 21.01 -35.37 17.65
C GLY C 41 20.52 -34.60 18.87
N HIS C 42 19.31 -34.92 19.34
CA HIS C 42 18.78 -34.35 20.57
C HIS C 42 19.48 -34.99 21.76
N ASP C 43 19.72 -36.30 21.69
CA ASP C 43 20.43 -37.03 22.73
C ASP C 43 21.90 -36.62 22.74
N GLU C 44 22.43 -36.25 21.56
CA GLU C 44 23.79 -35.72 21.46
C GLU C 44 23.86 -34.35 22.13
N LEU C 45 22.84 -33.50 21.90
CA LEU C 45 22.80 -32.15 22.42
C LEU C 45 22.84 -32.19 23.95
N VAL C 46 21.98 -33.00 24.57
CA VAL C 46 21.88 -33.04 26.02
C VAL C 46 23.22 -33.52 26.59
N SER C 47 23.80 -34.56 25.98
CA SER C 47 25.07 -35.11 26.41
C SER C 47 26.17 -34.06 26.33
N TRP C 48 26.20 -33.30 25.23
CA TRP C 48 27.19 -32.26 25.01
C TRP C 48 27.12 -31.19 26.09
N LEU C 49 25.90 -30.87 26.54
CA LEU C 49 25.70 -29.87 27.59
C LEU C 49 26.23 -30.40 28.91
N LYS C 50 25.91 -31.67 29.24
CA LYS C 50 26.38 -32.29 30.46
C LYS C 50 27.90 -32.46 30.41
N GLY C 51 28.44 -32.63 29.19
CA GLY C 51 29.88 -32.80 29.00
C GLY C 51 30.67 -31.51 29.22
N HIS C 52 29.98 -30.35 29.21
CA HIS C 52 30.57 -29.09 29.61
C HIS C 52 30.07 -28.70 31.00
N LYS C 53 29.53 -29.67 31.74
CA LYS C 53 28.98 -29.47 33.08
C LYS C 53 28.04 -28.27 33.07
N ILE C 54 27.04 -28.30 32.18
CA ILE C 54 25.98 -27.31 32.14
C ILE C 54 24.72 -27.97 32.68
N ASP C 55 24.46 -27.76 33.98
CA ASP C 55 23.30 -28.32 34.65
C ASP C 55 22.14 -27.33 34.61
N HIS C 56 22.44 -26.06 34.93
CA HIS C 56 21.44 -25.00 34.95
C HIS C 56 21.62 -24.11 33.73
N ALA C 57 20.60 -24.05 32.88
CA ALA C 57 20.60 -23.16 31.73
C ALA C 57 19.18 -22.73 31.40
N HIS C 58 19.07 -21.58 30.71
CA HIS C 58 17.79 -21.11 30.20
C HIS C 58 17.86 -21.11 28.68
N ILE C 59 17.10 -22.04 28.06
CA ILE C 59 17.13 -22.22 26.62
C ILE C 59 16.09 -21.28 26.01
N CYS C 60 16.45 -20.67 24.87
CA CYS C 60 15.52 -19.82 24.13
C CYS C 60 15.43 -20.32 22.69
N ILE C 61 14.27 -20.86 22.33
CA ILE C 61 13.99 -21.36 21.00
C ILE C 61 12.87 -20.50 20.44
N GLU C 62 12.81 -20.32 19.12
CA GLU C 62 11.74 -19.54 18.52
C GLU C 62 10.73 -20.49 17.88
N ALA C 63 9.43 -20.13 17.99
CA ALA C 63 8.33 -20.96 17.57
C ALA C 63 8.21 -20.94 16.04
N THR C 64 9.00 -21.81 15.39
CA THR C 64 9.11 -21.84 13.93
C THR C 64 8.54 -23.15 13.42
N GLY C 65 7.20 -23.24 13.38
CA GLY C 65 6.54 -24.48 12.98
C GLY C 65 6.56 -25.49 14.13
N THR C 66 6.42 -26.77 13.76
CA THR C 66 6.38 -27.87 14.73
C THR C 66 7.72 -28.59 14.77
N TYR C 67 8.72 -28.11 14.03
CA TYR C 67 10.01 -28.78 13.93
C TYR C 67 10.83 -28.56 15.20
N MET C 68 10.50 -27.51 15.97
CA MET C 68 11.21 -27.20 17.20
C MET C 68 10.55 -27.90 18.39
N GLU C 69 9.38 -28.52 18.19
CA GLU C 69 8.62 -29.09 19.30
C GLU C 69 9.40 -30.23 19.96
N PRO C 70 9.92 -31.25 19.24
CA PRO C 70 10.56 -32.38 19.91
C PRO C 70 11.86 -32.05 20.66
N VAL C 71 12.63 -31.05 20.19
CA VAL C 71 13.85 -30.65 20.89
C VAL C 71 13.47 -29.90 22.17
N ALA C 72 12.41 -29.09 22.11
CA ALA C 72 11.96 -28.33 23.28
C ALA C 72 11.51 -29.27 24.38
N GLU C 73 10.82 -30.36 24.01
CA GLU C 73 10.37 -31.36 24.98
C GLU C 73 11.56 -32.13 25.54
N CYS C 74 12.56 -32.40 24.69
CA CYS C 74 13.75 -33.14 25.08
C CYS C 74 14.47 -32.42 26.21
N LEU C 75 14.60 -31.09 26.08
CA LEU C 75 15.38 -30.28 27.01
C LEU C 75 14.56 -30.01 28.27
N TYR C 76 13.24 -29.87 28.13
CA TYR C 76 12.35 -29.67 29.26
C TYR C 76 12.38 -30.92 30.15
N ASP C 77 12.53 -32.10 29.53
CA ASP C 77 12.63 -33.35 30.25
C ASP C 77 14.02 -33.51 30.86
N ALA C 78 15.03 -32.96 30.18
CA ALA C 78 16.40 -32.97 30.67
C ALA C 78 16.56 -32.07 31.89
N GLY C 79 15.56 -31.20 32.14
CA GLY C 79 15.48 -30.44 33.37
C GLY C 79 15.88 -28.97 33.19
N TYR C 80 16.10 -28.54 31.94
CA TYR C 80 16.46 -27.17 31.64
C TYR C 80 15.19 -26.31 31.62
N ILE C 81 15.38 -24.99 31.74
CA ILE C 81 14.31 -24.03 31.55
C ILE C 81 14.24 -23.71 30.07
N VAL C 82 13.09 -24.03 29.43
CA VAL C 82 12.91 -23.79 28.01
C VAL C 82 11.94 -22.62 27.85
N SER C 83 12.26 -21.71 26.92
CA SER C 83 11.36 -20.65 26.51
C SER C 83 11.18 -20.70 24.99
N VAL C 84 9.94 -20.90 24.56
CA VAL C 84 9.59 -20.95 23.15
C VAL C 84 8.97 -19.60 22.81
N ILE C 85 9.68 -18.79 22.03
CA ILE C 85 9.32 -17.39 21.91
C ILE C 85 8.67 -17.15 20.54
N ASN C 86 7.75 -16.17 20.53
CA ASN C 86 7.10 -15.72 19.32
C ASN C 86 8.16 -15.15 18.38
N PRO C 87 8.33 -15.65 17.14
CA PRO C 87 9.42 -15.21 16.28
C PRO C 87 9.39 -13.71 15.94
N ALA C 88 8.21 -13.09 16.04
CA ALA C 88 8.08 -11.66 15.80
C ALA C 88 8.82 -10.86 16.87
N LEU C 89 8.88 -11.40 18.09
CA LEU C 89 9.63 -10.77 19.19
C LEU C 89 11.12 -10.82 18.87
N GLY C 90 11.58 -11.98 18.39
CA GLY C 90 12.98 -12.17 18.05
C GLY C 90 13.46 -11.18 17.00
N LYS C 91 12.66 -11.01 15.94
CA LYS C 91 13.01 -10.09 14.87
C LYS C 91 13.08 -8.67 15.42
N ALA C 92 12.10 -8.31 16.27
CA ALA C 92 12.03 -6.99 16.87
C ALA C 92 13.25 -6.76 17.77
N PHE C 93 13.67 -7.80 18.49
CA PHE C 93 14.80 -7.70 19.39
C PHE C 93 16.08 -7.38 18.61
N ALA C 94 16.24 -8.02 17.45
CA ALA C 94 17.40 -7.78 16.60
C ALA C 94 17.44 -6.32 16.14
N GLN C 95 16.28 -5.74 15.84
CA GLN C 95 16.19 -4.37 15.36
C GLN C 95 16.42 -3.39 16.51
N SER C 96 16.22 -3.83 17.76
CA SER C 96 16.42 -2.99 18.92
C SER C 96 17.89 -3.01 19.35
N GLU C 97 18.64 -4.00 18.85
CA GLU C 97 20.04 -4.19 19.23
C GLU C 97 20.95 -3.32 18.35
N GLY C 98 20.45 -2.95 17.16
CA GLY C 98 21.22 -2.12 16.25
C GLY C 98 20.33 -1.45 15.21
N LEU C 99 20.87 -0.43 14.54
CA LEU C 99 20.07 0.50 13.76
C LEU C 99 20.15 0.17 12.27
N ARG C 100 21.30 -0.37 11.83
CA ARG C 100 21.47 -0.78 10.44
C ARG C 100 21.77 -2.29 10.41
N ASN C 101 22.65 -2.75 11.30
CA ASN C 101 22.77 -4.17 11.62
C ASN C 101 23.19 -4.93 10.35
N LYS C 102 22.95 -6.24 10.33
CA LYS C 102 23.17 -7.06 9.14
C LYS C 102 22.15 -8.20 9.13
N THR C 103 21.85 -8.72 7.93
CA THR C 103 21.09 -9.93 7.70
C THR C 103 19.60 -9.68 7.95
N ASP C 104 19.26 -9.08 9.10
CA ASP C 104 17.89 -8.94 9.57
C ASP C 104 17.31 -10.35 9.80
N THR C 105 18.15 -11.24 10.36
CA THR C 105 17.74 -12.59 10.72
C THR C 105 18.23 -12.86 12.14
N VAL C 106 17.57 -13.82 12.82
CA VAL C 106 17.82 -14.10 14.22
C VAL C 106 18.55 -15.43 14.32
N ASP C 107 19.84 -15.37 14.69
CA ASP C 107 20.67 -16.56 14.82
C ASP C 107 20.69 -16.99 16.29
N ALA C 108 21.33 -18.13 16.56
CA ALA C 108 21.38 -18.70 17.90
C ALA C 108 22.01 -17.73 18.89
N ARG C 109 23.02 -16.96 18.44
CA ARG C 109 23.71 -16.00 19.30
C ARG C 109 22.73 -14.90 19.74
N MET C 110 21.92 -14.41 18.80
CA MET C 110 20.93 -13.37 19.07
C MET C 110 19.91 -13.89 20.08
N LEU C 111 19.54 -15.17 19.98
CA LEU C 111 18.56 -15.79 20.87
C LEU C 111 19.13 -15.94 22.28
N ALA C 112 20.43 -16.20 22.39
CA ALA C 112 21.09 -16.32 23.68
C ALA C 112 21.09 -14.97 24.39
N GLU C 113 21.25 -13.89 23.60
CA GLU C 113 21.27 -12.54 24.13
C GLU C 113 19.84 -12.11 24.51
N PHE C 114 18.86 -12.48 23.68
CA PHE C 114 17.45 -12.31 23.99
C PHE C 114 17.14 -12.95 25.35
N CYS C 115 17.63 -14.16 25.56
CA CYS C 115 17.36 -14.93 26.76
C CYS C 115 17.95 -14.24 27.98
N ARG C 116 19.16 -13.69 27.82
CA ARG C 116 19.93 -13.11 28.92
C ARG C 116 19.28 -11.81 29.38
N GLN C 117 18.85 -10.97 28.43
CA GLN C 117 18.33 -9.64 28.73
C GLN C 117 16.90 -9.72 29.26
N LYS C 118 16.05 -10.53 28.61
CA LYS C 118 14.61 -10.48 28.84
C LYS C 118 14.15 -11.56 29.82
N ARG C 119 14.94 -12.62 30.00
CA ARG C 119 14.63 -13.68 30.96
C ARG C 119 13.17 -14.11 30.77
N PRO C 120 12.78 -14.59 29.56
CA PRO C 120 11.37 -14.81 29.25
C PRO C 120 10.71 -15.90 30.08
N ALA C 121 9.37 -15.92 30.06
CA ALA C 121 8.59 -16.87 30.85
C ALA C 121 8.83 -18.29 30.35
N ALA C 122 8.83 -19.25 31.29
CA ALA C 122 9.17 -20.62 31.00
C ALA C 122 8.02 -21.32 30.29
N TRP C 123 8.36 -22.00 29.18
CA TRP C 123 7.41 -22.80 28.41
C TRP C 123 7.16 -24.12 29.14
N GLU C 124 5.96 -24.68 28.92
CA GLU C 124 5.56 -25.94 29.53
C GLU C 124 4.94 -26.81 28.44
N ALA C 125 5.35 -28.09 28.39
CA ALA C 125 4.84 -29.02 27.41
C ALA C 125 3.37 -29.30 27.68
N PRO C 126 2.45 -29.15 26.68
CA PRO C 126 1.03 -29.38 26.93
C PRO C 126 0.71 -30.80 27.34
N HIS C 127 -0.42 -30.97 28.05
CA HIS C 127 -0.91 -32.28 28.43
C HIS C 127 -1.34 -33.02 27.17
N PRO C 128 -1.13 -34.35 27.05
CA PRO C 128 -1.52 -35.08 25.84
C PRO C 128 -2.97 -34.86 25.40
N LEU C 129 -3.89 -34.68 26.37
CA LEU C 129 -5.29 -34.44 26.08
C LEU C 129 -5.48 -33.03 25.54
N GLU C 130 -4.79 -32.04 26.13
CA GLU C 130 -4.82 -30.68 25.63
C GLU C 130 -4.35 -30.66 24.18
N ARG C 131 -3.32 -31.47 23.89
CA ARG C 131 -2.72 -31.51 22.56
C ARG C 131 -3.68 -32.18 21.58
N ALA C 132 -4.34 -33.26 22.02
CA ALA C 132 -5.29 -33.98 21.18
C ALA C 132 -6.50 -33.10 20.88
N LEU C 133 -7.05 -32.43 21.90
CA LEU C 133 -8.22 -31.58 21.73
C LEU C 133 -7.93 -30.48 20.72
N ARG C 134 -6.78 -29.80 20.87
CA ARG C 134 -6.40 -28.73 19.97
C ARG C 134 -6.29 -29.27 18.54
N ALA C 135 -5.70 -30.46 18.38
CA ALA C 135 -5.51 -31.07 17.07
C ALA C 135 -6.86 -31.33 16.41
N LEU C 136 -7.84 -31.84 17.17
CA LEU C 136 -9.15 -32.17 16.64
C LEU C 136 -9.90 -30.89 16.24
N VAL C 137 -9.74 -29.83 17.03
CA VAL C 137 -10.45 -28.58 16.80
C VAL C 137 -9.90 -27.93 15.53
N VAL C 138 -8.57 -27.95 15.37
CA VAL C 138 -7.91 -27.39 14.19
C VAL C 138 -8.35 -28.17 12.95
N ARG C 139 -8.43 -29.49 13.06
CA ARG C 139 -8.87 -30.34 11.96
C ARG C 139 -10.31 -30.00 11.58
N HIS C 140 -11.17 -29.82 12.60
CA HIS C 140 -12.57 -29.50 12.39
C HIS C 140 -12.73 -28.19 11.61
N GLN C 141 -11.84 -27.21 11.89
CA GLN C 141 -11.95 -25.90 11.29
C GLN C 141 -11.51 -25.97 9.82
N ALA C 142 -10.57 -26.88 9.52
CA ALA C 142 -10.06 -27.09 8.17
C ALA C 142 -11.15 -27.67 7.28
N LEU C 143 -11.92 -28.64 7.81
CA LEU C 143 -12.97 -29.28 7.04
C LEU C 143 -14.15 -28.33 6.85
N THR C 144 -14.41 -27.45 7.83
CA THR C 144 -15.47 -26.46 7.71
C THR C 144 -15.15 -25.53 6.54
N ASP C 145 -13.88 -25.11 6.42
CA ASP C 145 -13.47 -24.20 5.36
C ASP C 145 -13.60 -24.88 4.01
N MET C 146 -13.30 -26.18 3.93
CA MET C 146 -13.42 -26.94 2.70
C MET C 146 -14.89 -27.12 2.34
N HIS C 147 -15.74 -27.32 3.36
CA HIS C 147 -17.17 -27.45 3.14
C HIS C 147 -17.73 -26.15 2.57
N THR C 148 -17.22 -25.00 3.03
CA THR C 148 -17.71 -23.70 2.58
C THR C 148 -17.28 -23.48 1.12
N GLN C 149 -16.04 -23.86 0.79
CA GLN C 149 -15.54 -23.79 -0.57
C GLN C 149 -16.52 -24.49 -1.51
N GLU C 150 -16.97 -25.70 -1.14
CA GLU C 150 -17.81 -26.52 -1.99
C GLU C 150 -19.23 -25.95 -2.03
N LEU C 151 -19.72 -25.39 -0.91
CA LEU C 151 -21.04 -24.76 -0.89
C LEU C 151 -21.05 -23.58 -1.87
N ASN C 152 -20.00 -22.76 -1.83
CA ASN C 152 -19.90 -21.61 -2.72
C ASN C 152 -19.98 -22.05 -4.18
N ARG C 153 -19.45 -23.24 -4.48
CA ARG C 153 -19.36 -23.72 -5.85
C ARG C 153 -20.73 -24.16 -6.36
N THR C 154 -21.64 -24.62 -5.49
CA THR C 154 -22.93 -25.13 -5.92
C THR C 154 -23.72 -24.01 -6.60
N GLU C 155 -23.51 -22.77 -6.17
CA GLU C 155 -24.40 -21.67 -6.54
C GLU C 155 -24.15 -21.26 -8.00
N THR C 156 -22.96 -21.57 -8.54
CA THR C 156 -22.63 -21.24 -9.92
C THR C 156 -22.13 -22.47 -10.68
N ALA C 157 -22.43 -23.67 -10.17
CA ALA C 157 -21.90 -24.90 -10.76
C ALA C 157 -22.61 -25.22 -12.06
N ARG C 158 -21.87 -25.82 -13.01
CA ARG C 158 -22.45 -26.39 -14.21
C ARG C 158 -23.04 -27.76 -13.83
N GLU C 159 -23.98 -28.26 -14.65
CA GLU C 159 -24.74 -29.45 -14.30
C GLU C 159 -23.87 -30.70 -14.33
N VAL C 160 -22.76 -30.70 -15.10
CA VAL C 160 -21.89 -31.86 -15.17
C VAL C 160 -20.97 -31.87 -13.94
N GLN C 161 -20.79 -30.70 -13.31
CA GLN C 161 -19.94 -30.58 -12.13
C GLN C 161 -20.72 -30.96 -10.87
N ARG C 162 -22.05 -30.86 -10.94
CA ARG C 162 -22.90 -30.87 -9.76
C ARG C 162 -22.87 -32.24 -9.05
N PRO C 163 -22.87 -33.40 -9.76
CA PRO C 163 -22.76 -34.69 -9.08
C PRO C 163 -21.50 -34.84 -8.23
N SER C 164 -20.37 -34.32 -8.73
CA SER C 164 -19.09 -34.39 -8.05
C SER C 164 -19.12 -33.56 -6.76
N ILE C 165 -19.72 -32.36 -6.85
CA ILE C 165 -19.72 -31.41 -5.74
C ILE C 165 -20.62 -31.94 -4.64
N ASP C 166 -21.79 -32.48 -5.02
CA ASP C 166 -22.73 -33.04 -4.06
C ASP C 166 -22.11 -34.22 -3.32
N ALA C 167 -21.40 -35.09 -4.06
CA ALA C 167 -20.73 -36.24 -3.47
C ALA C 167 -19.74 -35.80 -2.41
N HIS C 168 -18.99 -34.72 -2.68
CA HIS C 168 -17.97 -34.24 -1.77
C HIS C 168 -18.61 -33.59 -0.54
N LEU C 169 -19.72 -32.88 -0.75
CA LEU C 169 -20.43 -32.22 0.35
C LEU C 169 -20.94 -33.26 1.33
N LEU C 170 -21.46 -34.39 0.84
CA LEU C 170 -21.93 -35.46 1.70
C LEU C 170 -20.75 -36.00 2.53
N TRP C 171 -19.62 -36.23 1.87
CA TRP C 171 -18.46 -36.80 2.53
C TRP C 171 -17.98 -35.87 3.65
N LEU C 172 -17.94 -34.57 3.35
CA LEU C 172 -17.44 -33.57 4.29
C LEU C 172 -18.39 -33.42 5.46
N GLU C 173 -19.70 -33.51 5.22
CA GLU C 173 -20.71 -33.38 6.26
C GLU C 173 -20.59 -34.55 7.23
N ALA C 174 -20.38 -35.75 6.68
CA ALA C 174 -20.27 -36.96 7.47
C ALA C 174 -19.01 -36.93 8.34
N GLU C 175 -17.94 -36.33 7.80
CA GLU C 175 -16.64 -36.32 8.47
C GLU C 175 -16.68 -35.31 9.62
N LEU C 176 -17.27 -34.14 9.37
CA LEU C 176 -17.47 -33.14 10.41
C LEU C 176 -18.29 -33.73 11.56
N LYS C 177 -19.33 -34.50 11.22
CA LYS C 177 -20.17 -35.16 12.20
C LYS C 177 -19.33 -36.10 13.05
N ARG C 178 -18.37 -36.80 12.41
CA ARG C 178 -17.56 -37.79 13.08
C ARG C 178 -16.59 -37.13 14.05
N LEU C 179 -15.98 -36.00 13.64
CA LEU C 179 -15.03 -35.28 14.48
C LEU C 179 -15.72 -34.71 15.70
N GLU C 180 -16.88 -34.08 15.50
CA GLU C 180 -17.64 -33.51 16.60
C GLU C 180 -17.85 -34.57 17.67
N LYS C 181 -18.20 -35.79 17.24
CA LYS C 181 -18.39 -36.91 18.15
C LYS C 181 -17.06 -37.30 18.80
N GLN C 182 -15.98 -37.27 18.03
CA GLN C 182 -14.66 -37.61 18.54
C GLN C 182 -14.22 -36.58 19.58
N ILE C 183 -14.59 -35.31 19.37
CA ILE C 183 -14.28 -34.24 20.31
C ILE C 183 -15.10 -34.43 21.57
N LYS C 184 -16.39 -34.79 21.43
CA LYS C 184 -17.28 -34.96 22.56
C LYS C 184 -16.81 -36.12 23.43
N ASP C 185 -16.33 -37.20 22.79
CA ASP C 185 -15.87 -38.38 23.50
C ASP C 185 -14.59 -38.05 24.27
N LEU C 186 -13.77 -37.12 23.74
CA LEU C 186 -12.54 -36.72 24.40
C LEU C 186 -12.87 -35.96 25.68
N THR C 187 -13.78 -34.97 25.59
CA THR C 187 -14.06 -34.09 26.70
C THR C 187 -14.89 -34.82 27.76
N ASP C 188 -15.74 -35.77 27.34
CA ASP C 188 -16.58 -36.51 28.27
C ASP C 188 -15.75 -37.47 29.13
N ASP C 189 -14.67 -38.03 28.57
CA ASP C 189 -13.90 -39.06 29.25
C ASP C 189 -13.14 -38.45 30.43
N ASP C 190 -12.49 -37.30 30.21
CA ASP C 190 -11.77 -36.61 31.27
C ASP C 190 -12.77 -35.87 32.15
N PRO C 191 -12.83 -36.13 33.48
CA PRO C 191 -13.76 -35.43 34.36
C PRO C 191 -13.60 -33.91 34.40
N ASP C 192 -12.35 -33.44 34.29
CA ASP C 192 -12.05 -32.02 34.37
C ASP C 192 -12.57 -31.29 33.13
N MET C 193 -12.27 -31.84 31.94
CA MET C 193 -12.70 -31.25 30.68
C MET C 193 -14.22 -31.31 30.56
N LYS C 194 -14.83 -32.38 31.06
CA LYS C 194 -16.28 -32.51 31.04
C LYS C 194 -16.91 -31.38 31.85
N HIS C 195 -16.34 -31.10 33.03
CA HIS C 195 -16.85 -30.09 33.93
C HIS C 195 -16.63 -28.69 33.35
N ARG C 196 -15.43 -28.45 32.82
CA ARG C 196 -15.07 -27.14 32.30
C ARG C 196 -15.90 -26.80 31.07
N ARG C 197 -16.27 -27.82 30.27
CA ARG C 197 -17.01 -27.59 29.04
C ARG C 197 -18.47 -27.25 29.38
N LYS C 198 -19.02 -27.86 30.44
CA LYS C 198 -20.33 -27.47 30.95
C LYS C 198 -20.34 -25.99 31.31
N LEU C 199 -19.32 -25.54 32.05
CA LEU C 199 -19.28 -24.18 32.55
C LEU C 199 -19.31 -23.21 31.36
N LEU C 200 -18.50 -23.50 30.34
CA LEU C 200 -18.39 -22.63 29.18
C LEU C 200 -19.73 -22.53 28.46
N GLU C 201 -20.46 -23.65 28.37
CA GLU C 201 -21.70 -23.72 27.61
C GLU C 201 -22.84 -23.06 28.39
N SER C 202 -22.64 -22.79 29.69
CA SER C 202 -23.63 -22.09 30.50
C SER C 202 -23.74 -20.62 30.08
N ILE C 203 -22.67 -20.09 29.48
CA ILE C 203 -22.68 -18.71 28.99
C ILE C 203 -23.64 -18.63 27.81
N PRO C 204 -24.63 -17.70 27.80
CA PRO C 204 -25.45 -17.49 26.62
C PRO C 204 -24.64 -16.95 25.44
N GLY C 205 -24.75 -17.64 24.29
CA GLY C 205 -24.00 -17.28 23.10
C GLY C 205 -22.86 -18.26 22.81
N ILE C 206 -22.58 -19.19 23.74
CA ILE C 206 -21.52 -20.17 23.57
C ILE C 206 -22.12 -21.57 23.58
N GLY C 207 -21.87 -22.32 22.51
CA GLY C 207 -22.43 -23.65 22.31
C GLY C 207 -21.33 -24.71 22.18
N GLU C 208 -21.68 -25.84 21.56
CA GLU C 208 -20.80 -26.99 21.45
C GLU C 208 -19.51 -26.64 20.70
N LYS C 209 -19.64 -25.90 19.59
CA LYS C 209 -18.48 -25.60 18.76
C LYS C 209 -17.50 -24.73 19.53
N THR C 210 -18.01 -23.62 20.11
CA THR C 210 -17.16 -22.59 20.68
C THR C 210 -16.53 -23.09 21.98
N SER C 211 -17.30 -23.87 22.77
CA SER C 211 -16.79 -24.41 24.02
C SER C 211 -15.55 -25.26 23.76
N ALA C 212 -15.58 -26.06 22.68
CA ALA C 212 -14.44 -26.90 22.31
C ALA C 212 -13.24 -26.04 21.93
N VAL C 213 -13.49 -24.92 21.22
CA VAL C 213 -12.41 -24.07 20.74
C VAL C 213 -11.79 -23.34 21.94
N LEU C 214 -12.65 -22.81 22.83
CA LEU C 214 -12.17 -22.07 24.00
C LEU C 214 -11.34 -23.00 24.88
N LEU C 215 -11.84 -24.22 25.11
CA LEU C 215 -11.18 -25.17 25.97
C LEU C 215 -9.86 -25.63 25.34
N ALA C 216 -9.79 -25.64 24.00
CA ALA C 216 -8.60 -26.07 23.29
C ALA C 216 -7.44 -25.09 23.51
N TYR C 217 -7.75 -23.83 23.82
CA TYR C 217 -6.73 -22.80 24.00
C TYR C 217 -6.52 -22.48 25.47
N ILE C 218 -7.58 -22.51 26.28
CA ILE C 218 -7.45 -22.25 27.71
C ILE C 218 -6.72 -23.45 28.33
N GLY C 219 -7.22 -24.66 28.08
CA GLY C 219 -6.58 -25.88 28.53
C GLY C 219 -7.14 -26.35 29.88
N LEU C 220 -6.47 -27.36 30.46
CA LEU C 220 -6.89 -27.99 31.70
C LEU C 220 -6.63 -27.06 32.88
N LYS C 221 -5.44 -26.44 32.90
CA LYS C 221 -4.99 -25.61 34.00
C LYS C 221 -5.36 -24.16 33.73
N ASP C 222 -5.16 -23.30 34.75
CA ASP C 222 -5.42 -21.87 34.63
C ASP C 222 -4.08 -21.16 34.43
N ARG C 223 -3.66 -21.06 33.17
CA ARG C 223 -2.35 -20.54 32.80
C ARG C 223 -2.29 -19.02 32.92
N PHE C 224 -3.45 -18.34 32.81
CA PHE C 224 -3.51 -16.89 32.84
C PHE C 224 -3.89 -16.44 34.25
N ALA C 225 -3.18 -15.42 34.75
CA ALA C 225 -3.44 -14.90 36.09
C ALA C 225 -4.75 -14.12 36.11
N HIS C 226 -5.08 -13.49 34.97
CA HIS C 226 -6.26 -12.65 34.86
C HIS C 226 -6.93 -12.87 33.51
N ALA C 227 -8.26 -12.67 33.48
CA ALA C 227 -9.07 -12.90 32.30
C ALA C 227 -8.73 -11.87 31.21
N ARG C 228 -8.29 -10.67 31.61
CA ARG C 228 -7.82 -9.66 30.68
C ARG C 228 -6.70 -10.21 29.79
N GLN C 229 -5.84 -11.04 30.38
CA GLN C 229 -4.67 -11.57 29.70
C GLN C 229 -5.10 -12.55 28.61
N PHE C 230 -6.15 -13.34 28.89
CA PHE C 230 -6.67 -14.28 27.91
C PHE C 230 -7.32 -13.53 26.76
N ALA C 231 -8.00 -12.42 27.06
CA ALA C 231 -8.56 -11.56 26.02
C ALA C 231 -7.44 -11.01 25.14
N ALA C 232 -6.33 -10.61 25.76
CA ALA C 232 -5.17 -10.10 25.04
C ALA C 232 -4.52 -11.21 24.21
N PHE C 233 -4.53 -12.44 24.75
CA PHE C 233 -3.96 -13.61 24.10
C PHE C 233 -4.68 -13.91 22.78
N ALA C 234 -6.00 -13.65 22.73
CA ALA C 234 -6.79 -13.87 21.54
C ALA C 234 -6.64 -12.69 20.57
N GLY C 235 -6.06 -11.59 21.04
CA GLY C 235 -5.80 -10.42 20.20
C GLY C 235 -7.06 -9.59 19.99
N LEU C 236 -7.86 -9.44 21.06
CA LEU C 236 -9.19 -8.86 20.97
C LEU C 236 -9.26 -7.49 21.64
N THR C 237 -8.23 -7.13 22.43
CA THR C 237 -8.24 -5.89 23.19
C THR C 237 -8.02 -4.74 22.24
N PRO C 238 -8.51 -3.50 22.53
CA PRO C 238 -8.18 -2.35 21.70
C PRO C 238 -6.72 -1.94 21.82
N ARG C 239 -6.16 -1.39 20.74
N ARG C 239 -6.15 -1.43 20.72
CA ARG C 239 -4.78 -0.93 20.73
CA ARG C 239 -4.80 -0.91 20.70
C ARG C 239 -4.79 0.61 20.74
C ARG C 239 -4.86 0.62 20.76
N ARG C 240 -4.56 1.17 21.93
CA ARG C 240 -4.53 2.60 22.13
C ARG C 240 -3.24 3.16 21.54
N TYR C 241 -3.36 4.27 20.79
CA TYR C 241 -2.22 4.90 20.16
C TYR C 241 -2.27 6.40 20.45
N GLU C 242 -1.53 6.82 21.48
CA GLU C 242 -1.57 8.18 21.99
C GLU C 242 -0.15 8.71 22.16
N SER C 243 0.06 10.00 21.83
CA SER C 243 1.29 10.68 22.17
C SER C 243 1.07 12.19 22.24
N GLY C 244 1.34 12.77 23.42
CA GLY C 244 1.29 14.21 23.62
C GLY C 244 -0.09 14.77 23.30
N SER C 245 -0.11 15.87 22.53
CA SER C 245 -1.33 16.51 22.10
C SER C 245 -1.66 16.16 20.65
N SER C 246 -0.60 15.90 19.86
CA SER C 246 -0.72 15.83 18.41
C SER C 246 -1.31 14.50 17.97
N VAL C 247 -0.72 13.39 18.45
CA VAL C 247 -1.00 12.07 17.91
C VAL C 247 -2.23 11.49 18.59
N ARG C 248 -3.33 11.39 17.82
CA ARG C 248 -4.53 10.68 18.24
C ARG C 248 -4.82 9.59 17.21
N GLY C 249 -4.43 8.35 17.53
CA GLY C 249 -4.74 7.19 16.70
C GLY C 249 -6.02 6.52 17.18
N ALA C 250 -7.04 6.47 16.31
CA ALA C 250 -8.31 5.83 16.64
C ALA C 250 -8.05 4.37 17.04
N SER C 251 -8.61 3.96 18.19
CA SER C 251 -8.36 2.63 18.71
C SER C 251 -8.92 1.59 17.76
N ARG C 252 -8.04 0.70 17.28
CA ARG C 252 -8.42 -0.44 16.47
C ARG C 252 -8.15 -1.69 17.29
N MET C 253 -8.77 -2.81 16.90
CA MET C 253 -8.54 -4.07 17.58
C MET C 253 -7.09 -4.48 17.32
N SER C 254 -6.42 -4.96 18.38
CA SER C 254 -4.99 -5.25 18.33
C SER C 254 -4.68 -6.33 17.27
N LYS C 255 -5.42 -7.44 17.33
CA LYS C 255 -5.24 -8.58 16.43
C LYS C 255 -3.93 -9.31 16.73
N ALA C 256 -3.24 -8.92 17.81
CA ALA C 256 -2.01 -9.58 18.20
C ALA C 256 -2.34 -10.80 19.07
N GLY C 257 -2.79 -11.88 18.40
CA GLY C 257 -3.18 -13.07 19.10
C GLY C 257 -3.67 -14.15 18.14
N HIS C 258 -4.09 -15.29 18.70
CA HIS C 258 -4.49 -16.43 17.89
C HIS C 258 -5.69 -16.07 17.01
N VAL C 259 -5.56 -16.34 15.71
CA VAL C 259 -6.57 -16.04 14.72
C VAL C 259 -7.69 -17.08 14.86
N SER C 260 -7.30 -18.34 15.04
CA SER C 260 -8.24 -19.45 15.14
C SER C 260 -9.17 -19.26 16.34
N LEU C 261 -8.65 -18.63 17.40
CA LEU C 261 -9.44 -18.33 18.59
C LEU C 261 -10.31 -17.10 18.33
N ARG C 262 -9.74 -16.10 17.65
CA ARG C 262 -10.43 -14.85 17.38
C ARG C 262 -11.59 -15.08 16.42
N ARG C 263 -11.39 -15.89 15.38
CA ARG C 263 -12.42 -16.11 14.37
C ARG C 263 -13.60 -16.88 14.97
N ALA C 264 -13.34 -17.74 15.96
CA ALA C 264 -14.36 -18.60 16.53
C ALA C 264 -15.36 -17.81 17.38
N LEU C 265 -15.04 -16.56 17.72
CA LEU C 265 -15.86 -15.80 18.66
C LEU C 265 -16.76 -14.80 17.94
N TYR C 266 -16.64 -14.68 16.61
CA TYR C 266 -17.39 -13.70 15.85
C TYR C 266 -18.88 -14.06 15.84
N MET C 267 -19.22 -15.29 15.42
CA MET C 267 -20.61 -15.68 15.27
C MET C 267 -21.27 -15.78 16.65
N PRO C 268 -20.63 -16.33 17.69
CA PRO C 268 -21.15 -16.19 19.05
C PRO C 268 -21.47 -14.76 19.46
N ALA C 269 -20.62 -13.81 19.07
CA ALA C 269 -20.81 -12.41 19.42
C ALA C 269 -22.10 -11.87 18.79
N MET C 270 -22.38 -12.23 17.54
CA MET C 270 -23.62 -11.85 16.89
C MET C 270 -24.81 -12.42 17.66
N VAL C 271 -24.74 -13.71 18.00
CA VAL C 271 -25.84 -14.39 18.67
C VAL C 271 -26.10 -13.70 20.00
N ALA C 272 -25.03 -13.44 20.77
CA ALA C 272 -25.13 -12.82 22.08
C ALA C 272 -25.81 -11.46 21.96
N THR C 273 -25.28 -10.59 21.08
CA THR C 273 -25.75 -9.20 21.01
C THR C 273 -27.17 -9.12 20.45
N SER C 274 -27.64 -10.19 19.79
CA SER C 274 -28.92 -10.14 19.10
C SER C 274 -30.00 -10.93 19.83
N LYS C 275 -29.64 -11.99 20.58
CA LYS C 275 -30.64 -12.94 21.04
C LYS C 275 -30.60 -13.19 22.56
N THR C 276 -29.64 -12.60 23.29
CA THR C 276 -29.55 -12.84 24.73
C THR C 276 -29.78 -11.53 25.48
N GLU C 277 -30.31 -11.63 26.71
CA GLU C 277 -30.57 -10.46 27.54
C GLU C 277 -29.25 -9.70 27.77
N TRP C 278 -28.23 -10.40 28.28
CA TRP C 278 -27.00 -9.75 28.70
C TRP C 278 -26.23 -9.21 27.50
N GLY C 279 -26.40 -9.86 26.34
CA GLY C 279 -25.75 -9.42 25.11
C GLY C 279 -26.41 -8.18 24.53
N ARG C 280 -27.75 -8.17 24.50
CA ARG C 280 -28.49 -7.00 24.04
C ARG C 280 -28.21 -5.81 24.95
N ALA C 281 -28.22 -6.06 26.27
CA ALA C 281 -27.91 -5.03 27.26
C ALA C 281 -26.57 -4.38 26.93
N PHE C 282 -25.57 -5.20 26.57
CA PHE C 282 -24.24 -4.72 26.22
C PHE C 282 -24.31 -3.91 24.92
N ARG C 283 -24.98 -4.48 23.90
CA ARG C 283 -25.11 -3.84 22.60
C ARG C 283 -25.77 -2.47 22.75
N ASP C 284 -26.87 -2.41 23.51
CA ASP C 284 -27.68 -1.20 23.64
C ASP C 284 -26.86 -0.07 24.26
N ARG C 285 -26.05 -0.41 25.27
CA ARG C 285 -25.23 0.57 25.96
C ARG C 285 -24.21 1.19 25.00
N LEU C 286 -23.52 0.34 24.23
CA LEU C 286 -22.49 0.81 23.31
C LEU C 286 -23.13 1.52 22.11
N ALA C 287 -24.34 1.08 21.73
CA ALA C 287 -25.09 1.72 20.66
C ALA C 287 -25.43 3.16 21.06
N ALA C 288 -25.76 3.37 22.34
CA ALA C 288 -26.05 4.70 22.87
C ALA C 288 -24.82 5.60 22.76
N ASN C 289 -23.63 5.04 23.04
CA ASN C 289 -22.39 5.79 22.94
C ASN C 289 -21.95 5.92 21.47
N GLY C 290 -22.82 5.52 20.53
CA GLY C 290 -22.63 5.80 19.12
C GLY C 290 -21.54 4.91 18.52
N LYS C 291 -21.64 3.61 18.76
CA LYS C 291 -20.72 2.63 18.20
C LYS C 291 -21.41 1.90 17.05
N LYS C 292 -20.66 1.61 15.99
CA LYS C 292 -21.20 0.97 14.80
C LYS C 292 -21.36 -0.52 15.06
N GLY C 293 -21.93 -1.24 14.09
CA GLY C 293 -22.33 -2.63 14.27
C GLY C 293 -21.15 -3.54 14.58
N LYS C 294 -20.15 -3.58 13.69
CA LYS C 294 -19.03 -4.49 13.84
C LYS C 294 -18.12 -4.06 14.99
N VAL C 295 -18.13 -2.76 15.33
CA VAL C 295 -17.40 -2.28 16.49
C VAL C 295 -17.96 -2.96 17.73
N ILE C 296 -19.30 -3.03 17.83
CA ILE C 296 -19.95 -3.64 18.98
C ILE C 296 -19.64 -5.13 19.00
N LEU C 297 -19.62 -5.77 17.82
CA LEU C 297 -19.29 -7.19 17.74
C LEU C 297 -17.86 -7.39 18.23
N GLY C 298 -16.93 -6.58 17.72
CA GLY C 298 -15.57 -6.55 18.24
C GLY C 298 -15.53 -6.54 19.76
N ALA C 299 -16.30 -5.62 20.36
CA ALA C 299 -16.32 -5.45 21.80
C ALA C 299 -16.87 -6.70 22.48
N MET C 300 -17.93 -7.28 21.90
CA MET C 300 -18.57 -8.46 22.47
C MET C 300 -17.63 -9.66 22.40
N MET C 301 -16.82 -9.75 21.33
CA MET C 301 -15.87 -10.85 21.20
C MET C 301 -14.89 -10.83 22.37
N ARG C 302 -14.36 -9.64 22.69
CA ARG C 302 -13.46 -9.47 23.82
C ARG C 302 -14.19 -9.83 25.12
N LYS C 303 -15.45 -9.41 25.23
CA LYS C 303 -16.26 -9.68 26.42
C LYS C 303 -16.38 -11.19 26.64
N LEU C 304 -16.74 -11.92 25.56
CA LEU C 304 -16.96 -13.36 25.65
C LEU C 304 -15.68 -14.06 26.10
N ALA C 305 -14.54 -13.68 25.51
CA ALA C 305 -13.25 -14.24 25.88
C ALA C 305 -13.02 -14.03 27.38
N GLN C 306 -13.28 -12.81 27.86
CA GLN C 306 -12.96 -12.44 29.23
C GLN C 306 -13.90 -13.14 30.20
N VAL C 307 -15.16 -13.33 29.81
CA VAL C 307 -16.15 -13.99 30.65
C VAL C 307 -15.89 -15.50 30.63
N ALA C 308 -15.52 -16.04 29.46
CA ALA C 308 -15.24 -17.46 29.31
C ALA C 308 -14.16 -17.88 30.31
N TYR C 309 -13.10 -17.08 30.43
CA TYR C 309 -12.01 -17.40 31.35
C TYR C 309 -12.48 -17.16 32.79
N GLY C 310 -13.16 -16.03 33.01
CA GLY C 310 -13.70 -15.67 34.32
C GLY C 310 -14.55 -16.78 34.91
N VAL C 311 -15.50 -17.29 34.11
CA VAL C 311 -16.44 -18.31 34.55
C VAL C 311 -15.68 -19.59 34.97
N LEU C 312 -14.62 -19.93 34.24
CA LEU C 312 -13.86 -21.13 34.55
C LEU C 312 -13.13 -20.97 35.88
N LYS C 313 -12.50 -19.81 36.11
CA LYS C 313 -11.83 -19.53 37.36
C LYS C 313 -12.82 -19.59 38.52
N SER C 314 -14.03 -19.06 38.31
CA SER C 314 -15.06 -19.05 39.34
C SER C 314 -15.51 -20.47 39.67
N GLY C 315 -15.44 -21.37 38.68
CA GLY C 315 -15.80 -22.77 38.88
C GLY C 315 -17.30 -22.96 39.02
N VAL C 316 -18.08 -21.96 38.60
CA VAL C 316 -19.51 -21.89 38.86
C VAL C 316 -20.21 -21.48 37.57
N PRO C 317 -21.40 -22.02 37.23
CA PRO C 317 -22.13 -21.60 36.05
C PRO C 317 -22.28 -20.08 35.90
N PHE C 318 -22.58 -19.65 34.66
CA PHE C 318 -22.72 -18.24 34.32
C PHE C 318 -23.85 -17.62 35.14
N ASP C 319 -23.47 -16.65 36.00
CA ASP C 319 -24.43 -15.86 36.75
C ASP C 319 -24.65 -14.54 36.02
N ALA C 320 -25.88 -14.33 35.53
CA ALA C 320 -26.21 -13.17 34.71
C ALA C 320 -26.24 -11.89 35.55
N SER C 321 -26.44 -12.03 36.86
CA SER C 321 -26.52 -10.90 37.77
C SER C 321 -25.20 -10.13 37.82
N ARG C 322 -24.10 -10.78 37.45
CA ARG C 322 -22.79 -10.16 37.44
C ARG C 322 -22.71 -9.09 36.34
N HIS C 323 -23.58 -9.21 35.32
CA HIS C 323 -23.56 -8.33 34.17
C HIS C 323 -24.88 -7.58 34.06
N ASN C 324 -24.86 -6.47 33.29
CA ASN C 324 -26.06 -5.69 33.03
C ASN C 324 -26.92 -6.45 32.00
N LEU D 7 -29.78 0.99 -36.65
CA LEU D 7 -29.01 0.14 -35.71
C LEU D 7 -29.00 0.81 -34.33
N HIS D 8 -29.55 0.10 -33.33
CA HIS D 8 -29.52 0.58 -31.95
C HIS D 8 -28.30 -0.01 -31.24
N TYR D 9 -27.89 0.64 -30.15
CA TYR D 9 -26.79 0.17 -29.33
C TYR D 9 -27.29 0.01 -27.90
N ILE D 10 -27.33 -1.23 -27.42
CA ILE D 10 -27.92 -1.55 -26.13
C ILE D 10 -26.81 -2.01 -25.19
N GLY D 11 -26.89 -1.58 -23.93
CA GLY D 11 -25.96 -1.99 -22.89
C GLY D 11 -26.71 -2.59 -21.70
N ILE D 12 -26.31 -3.80 -21.29
CA ILE D 12 -26.98 -4.51 -20.22
C ILE D 12 -26.01 -4.71 -19.06
N ASP D 13 -26.32 -4.10 -17.91
CA ASP D 13 -25.58 -4.33 -16.68
C ASP D 13 -26.28 -5.45 -15.91
N THR D 14 -25.55 -6.55 -15.65
CA THR D 14 -26.14 -7.76 -15.11
C THR D 14 -25.80 -7.88 -13.63
N ALA D 15 -26.72 -8.52 -12.90
CA ALA D 15 -26.54 -8.89 -11.50
C ALA D 15 -27.20 -10.24 -11.28
N LYS D 16 -27.09 -10.79 -10.06
CA LYS D 16 -27.69 -12.07 -9.75
C LYS D 16 -29.20 -12.01 -9.99
N GLU D 17 -29.84 -10.92 -9.53
CA GLU D 17 -31.29 -10.83 -9.48
C GLU D 17 -31.84 -9.95 -10.60
N LYS D 18 -31.15 -8.84 -10.92
CA LYS D 18 -31.70 -7.81 -11.80
C LYS D 18 -30.84 -7.60 -13.03
N LEU D 19 -31.49 -7.12 -14.11
CA LEU D 19 -30.82 -6.58 -15.29
C LEU D 19 -31.11 -5.09 -15.39
N ASP D 20 -30.11 -4.31 -15.80
CA ASP D 20 -30.27 -2.89 -16.10
C ASP D 20 -29.99 -2.67 -17.58
N VAL D 21 -31.01 -2.29 -18.34
CA VAL D 21 -30.91 -2.19 -19.78
C VAL D 21 -30.99 -0.71 -20.17
N ASP D 22 -30.13 -0.30 -21.11
CA ASP D 22 -30.11 1.05 -21.64
C ASP D 22 -29.97 1.00 -23.15
N VAL D 23 -31.01 1.46 -23.86
CA VAL D 23 -31.01 1.51 -25.31
C VAL D 23 -30.52 2.89 -25.74
N LEU D 24 -29.72 2.95 -26.80
CA LEU D 24 -29.25 4.21 -27.37
C LEU D 24 -29.76 4.29 -28.82
N ARG D 25 -30.76 5.15 -29.04
CA ARG D 25 -31.44 5.23 -30.32
C ARG D 25 -30.56 6.01 -31.30
N PRO D 26 -30.69 5.79 -32.64
CA PRO D 26 -29.89 6.54 -33.61
C PRO D 26 -29.92 8.06 -33.42
N ASP D 27 -31.07 8.59 -33.01
CA ASP D 27 -31.25 10.03 -32.82
C ASP D 27 -30.44 10.52 -31.62
N GLY D 28 -30.16 9.62 -30.66
CA GLY D 28 -29.32 9.92 -29.51
C GLY D 28 -30.10 9.90 -28.20
N ARG D 29 -31.41 9.60 -28.27
CA ARG D 29 -32.25 9.49 -27.09
C ARG D 29 -31.98 8.14 -26.41
N HIS D 30 -32.27 8.07 -25.10
CA HIS D 30 -32.06 6.88 -24.30
C HIS D 30 -33.40 6.32 -23.82
N ARG D 31 -33.54 4.99 -23.84
CA ARG D 31 -34.61 4.29 -23.14
C ARG D 31 -34.00 3.32 -22.14
N THR D 32 -34.49 3.36 -20.90
CA THR D 32 -33.96 2.55 -19.81
C THR D 32 -35.10 1.79 -19.14
N LYS D 33 -34.84 0.55 -18.74
CA LYS D 33 -35.80 -0.27 -18.02
C LYS D 33 -35.07 -1.41 -17.30
N LYS D 34 -35.48 -1.69 -16.06
CA LYS D 34 -34.94 -2.79 -15.28
C LYS D 34 -35.76 -4.05 -15.53
N PHE D 35 -35.12 -5.21 -15.36
CA PHE D 35 -35.76 -6.50 -15.55
C PHE D 35 -35.24 -7.48 -14.51
N ALA D 36 -35.98 -8.58 -14.30
CA ALA D 36 -35.52 -9.68 -13.46
C ALA D 36 -34.62 -10.59 -14.29
N ASN D 37 -33.59 -11.16 -13.66
CA ASN D 37 -32.63 -12.00 -14.35
C ASN D 37 -33.13 -13.45 -14.32
N THR D 38 -34.27 -13.67 -14.99
CA THR D 38 -34.93 -14.97 -15.05
C THR D 38 -35.44 -15.20 -16.46
N THR D 39 -35.88 -16.42 -16.76
CA THR D 39 -36.41 -16.77 -18.07
C THR D 39 -37.63 -15.89 -18.39
N LYS D 40 -38.43 -15.56 -17.36
CA LYS D 40 -39.54 -14.63 -17.51
C LYS D 40 -39.02 -13.26 -17.96
N GLY D 41 -38.04 -12.73 -17.22
CA GLY D 41 -37.54 -11.39 -17.47
C GLY D 41 -36.80 -11.27 -18.79
N HIS D 42 -36.27 -12.39 -19.30
CA HIS D 42 -35.59 -12.41 -20.59
C HIS D 42 -36.63 -12.32 -21.72
N ASP D 43 -37.79 -12.93 -21.50
CA ASP D 43 -38.90 -12.86 -22.45
C ASP D 43 -39.52 -11.47 -22.42
N GLU D 44 -39.61 -10.88 -21.21
CA GLU D 44 -40.05 -9.50 -21.06
C GLU D 44 -39.14 -8.56 -21.84
N LEU D 45 -37.82 -8.78 -21.73
CA LEU D 45 -36.83 -7.93 -22.37
C LEU D 45 -37.03 -7.92 -23.88
N VAL D 46 -37.12 -9.11 -24.49
CA VAL D 46 -37.24 -9.23 -25.93
C VAL D 46 -38.53 -8.54 -26.38
N SER D 47 -39.64 -8.81 -25.68
CA SER D 47 -40.93 -8.25 -26.01
C SER D 47 -40.88 -6.72 -25.93
N TRP D 48 -40.18 -6.19 -24.93
CA TRP D 48 -40.05 -4.74 -24.72
C TRP D 48 -39.25 -4.12 -25.86
N LEU D 49 -38.24 -4.84 -26.36
CA LEU D 49 -37.43 -4.36 -27.48
C LEU D 49 -38.25 -4.42 -28.76
N LYS D 50 -38.99 -5.52 -28.96
CA LYS D 50 -39.85 -5.69 -30.13
C LYS D 50 -41.03 -4.72 -30.05
N GLY D 51 -41.43 -4.35 -28.82
CA GLY D 51 -42.50 -3.40 -28.60
C GLY D 51 -42.11 -1.96 -28.97
N HIS D 52 -40.80 -1.72 -29.14
CA HIS D 52 -40.29 -0.44 -29.60
C HIS D 52 -39.73 -0.58 -31.02
N LYS D 53 -40.13 -1.67 -31.72
CA LYS D 53 -39.67 -1.96 -33.07
C LYS D 53 -38.15 -1.86 -33.14
N ILE D 54 -37.47 -2.57 -32.23
CA ILE D 54 -36.02 -2.70 -32.26
C ILE D 54 -35.69 -4.11 -32.74
N ASP D 55 -35.42 -4.25 -34.04
CA ASP D 55 -35.15 -5.54 -34.65
C ASP D 55 -33.66 -5.69 -34.94
N HIS D 56 -33.00 -4.59 -35.33
CA HIS D 56 -31.57 -4.58 -35.61
C HIS D 56 -30.86 -3.80 -34.50
N ALA D 57 -30.09 -4.51 -33.66
CA ALA D 57 -29.39 -3.89 -32.56
C ALA D 57 -28.09 -4.65 -32.25
N HIS D 58 -27.16 -3.95 -31.59
CA HIS D 58 -25.91 -4.54 -31.12
C HIS D 58 -25.85 -4.40 -29.61
N ILE D 59 -26.00 -5.54 -28.90
CA ILE D 59 -26.02 -5.55 -27.45
C ILE D 59 -24.59 -5.77 -26.94
N CYS D 60 -24.27 -5.12 -25.82
CA CYS D 60 -22.94 -5.19 -25.22
C CYS D 60 -23.07 -5.50 -23.74
N ILE D 61 -22.66 -6.72 -23.35
CA ILE D 61 -22.72 -7.21 -21.98
C ILE D 61 -21.27 -7.41 -21.52
N GLU D 62 -21.01 -7.27 -20.22
CA GLU D 62 -19.70 -7.54 -19.67
C GLU D 62 -19.70 -8.90 -18.99
N ALA D 63 -18.57 -9.61 -19.10
CA ALA D 63 -18.46 -11.00 -18.66
C ALA D 63 -18.33 -11.05 -17.14
N THR D 64 -19.48 -11.11 -16.46
CA THR D 64 -19.56 -11.01 -15.01
C THR D 64 -20.14 -12.31 -14.45
N GLY D 65 -19.32 -13.37 -14.43
CA GLY D 65 -19.77 -14.65 -13.92
C GLY D 65 -20.68 -15.37 -14.90
N THR D 66 -21.52 -16.26 -14.36
CA THR D 66 -22.43 -17.08 -15.15
C THR D 66 -23.84 -16.48 -15.12
N TYR D 67 -23.96 -15.26 -14.59
CA TYR D 67 -25.25 -14.61 -14.45
C TYR D 67 -25.65 -13.92 -15.76
N MET D 68 -24.68 -13.68 -16.65
CA MET D 68 -24.94 -12.97 -17.89
C MET D 68 -25.07 -13.95 -19.05
N GLU D 69 -24.76 -15.24 -18.82
CA GLU D 69 -24.76 -16.22 -19.90
C GLU D 69 -26.18 -16.50 -20.40
N PRO D 70 -27.21 -16.68 -19.53
CA PRO D 70 -28.56 -16.93 -20.03
C PRO D 70 -29.11 -15.84 -20.94
N VAL D 71 -28.95 -14.57 -20.55
CA VAL D 71 -29.54 -13.45 -21.28
C VAL D 71 -28.79 -13.27 -22.60
N ALA D 72 -27.47 -13.52 -22.60
CA ALA D 72 -26.67 -13.42 -23.81
C ALA D 72 -27.16 -14.42 -24.86
N GLU D 73 -27.51 -15.63 -24.43
CA GLU D 73 -27.96 -16.68 -25.34
C GLU D 73 -29.37 -16.37 -25.83
N CYS D 74 -30.22 -15.84 -24.93
CA CYS D 74 -31.58 -15.45 -25.28
C CYS D 74 -31.57 -14.46 -26.43
N LEU D 75 -30.75 -13.40 -26.32
CA LEU D 75 -30.73 -12.30 -27.27
C LEU D 75 -30.08 -12.76 -28.57
N TYR D 76 -29.06 -13.62 -28.47
CA TYR D 76 -28.43 -14.21 -29.64
C TYR D 76 -29.49 -14.95 -30.47
N ASP D 77 -30.36 -15.72 -29.79
CA ASP D 77 -31.39 -16.50 -30.44
C ASP D 77 -32.46 -15.57 -31.02
N ALA D 78 -32.72 -14.46 -30.33
CA ALA D 78 -33.70 -13.46 -30.77
C ALA D 78 -33.25 -12.79 -32.08
N GLY D 79 -31.96 -12.96 -32.43
CA GLY D 79 -31.45 -12.57 -33.73
C GLY D 79 -30.58 -11.32 -33.66
N TYR D 80 -30.33 -10.82 -32.44
CA TYR D 80 -29.53 -9.62 -32.25
C TYR D 80 -28.05 -9.97 -32.30
N ILE D 81 -27.20 -8.95 -32.44
CA ILE D 81 -25.75 -9.11 -32.34
C ILE D 81 -25.37 -8.86 -30.88
N VAL D 82 -24.69 -9.85 -30.26
CA VAL D 82 -24.32 -9.78 -28.87
C VAL D 82 -22.79 -9.75 -28.79
N SER D 83 -22.25 -8.87 -27.95
CA SER D 83 -20.84 -8.84 -27.64
C SER D 83 -20.65 -8.96 -26.13
N VAL D 84 -19.76 -9.88 -25.72
CA VAL D 84 -19.47 -10.11 -24.31
C VAL D 84 -18.04 -9.64 -24.06
N ILE D 85 -17.90 -8.52 -23.33
CA ILE D 85 -16.64 -7.80 -23.30
C ILE D 85 -15.89 -8.14 -22.02
N ASN D 86 -14.55 -8.04 -22.11
CA ASN D 86 -13.68 -8.25 -20.96
C ASN D 86 -13.96 -7.14 -19.96
N PRO D 87 -14.31 -7.46 -18.69
CA PRO D 87 -14.62 -6.45 -17.69
C PRO D 87 -13.55 -5.36 -17.53
N ALA D 88 -12.28 -5.72 -17.74
CA ALA D 88 -11.19 -4.77 -17.57
C ALA D 88 -11.27 -3.66 -18.63
N LEU D 89 -11.71 -4.01 -19.84
CA LEU D 89 -11.88 -3.03 -20.91
C LEU D 89 -13.00 -2.06 -20.53
N GLY D 90 -14.09 -2.62 -19.98
CA GLY D 90 -15.22 -1.82 -19.52
C GLY D 90 -14.79 -0.76 -18.51
N LYS D 91 -14.02 -1.16 -17.49
CA LYS D 91 -13.61 -0.25 -16.44
C LYS D 91 -12.74 0.86 -17.05
N ALA D 92 -11.79 0.48 -17.91
CA ALA D 92 -10.90 1.44 -18.55
C ALA D 92 -11.72 2.43 -19.39
N PHE D 93 -12.77 1.93 -20.05
CA PHE D 93 -13.61 2.76 -20.89
C PHE D 93 -14.37 3.77 -20.02
N ALA D 94 -14.87 3.31 -18.87
CA ALA D 94 -15.59 4.20 -17.96
C ALA D 94 -14.68 5.33 -17.49
N GLN D 95 -13.39 5.02 -17.25
CA GLN D 95 -12.43 6.01 -16.79
C GLN D 95 -12.08 6.99 -17.92
N SER D 96 -12.13 6.51 -19.17
CA SER D 96 -11.84 7.35 -20.33
C SER D 96 -13.01 8.31 -20.60
N GLU D 97 -14.20 7.97 -20.09
CA GLU D 97 -15.37 8.82 -20.20
C GLU D 97 -15.43 9.79 -19.02
N GLY D 98 -14.47 9.67 -18.09
CA GLY D 98 -14.32 10.63 -17.01
C GLY D 98 -15.33 10.40 -15.88
N LEU D 99 -15.95 9.22 -15.86
CA LEU D 99 -17.04 8.93 -14.93
C LEU D 99 -16.50 8.89 -13.51
N ARG D 100 -17.17 9.63 -12.61
CA ARG D 100 -16.80 9.68 -11.20
C ARG D 100 -17.57 8.60 -10.44
N ASN D 101 -18.89 8.54 -10.66
CA ASN D 101 -19.76 7.62 -9.94
C ASN D 101 -19.77 6.27 -10.64
N LYS D 102 -20.06 5.21 -9.87
CA LYS D 102 -20.17 3.85 -10.40
C LYS D 102 -21.42 3.20 -9.82
N THR D 103 -22.51 3.19 -10.62
CA THR D 103 -23.77 2.58 -10.23
C THR D 103 -24.31 1.78 -11.43
N ASP D 104 -25.33 0.94 -11.16
CA ASP D 104 -25.84 0.01 -12.15
C ASP D 104 -26.48 0.73 -13.32
N THR D 105 -27.18 1.84 -13.03
CA THR D 105 -27.84 2.64 -14.05
C THR D 105 -26.79 3.32 -14.93
N VAL D 106 -25.68 3.75 -14.31
CA VAL D 106 -24.60 4.42 -15.01
C VAL D 106 -23.90 3.44 -15.96
N ASP D 107 -23.67 2.21 -15.48
CA ASP D 107 -22.82 1.26 -16.20
C ASP D 107 -23.60 0.65 -17.38
N ALA D 108 -24.93 0.56 -17.26
CA ALA D 108 -25.77 0.09 -18.35
C ALA D 108 -25.71 1.08 -19.52
N ARG D 109 -25.70 2.38 -19.20
CA ARG D 109 -25.57 3.43 -20.20
C ARG D 109 -24.18 3.38 -20.83
N MET D 110 -23.16 3.12 -20.00
CA MET D 110 -21.77 3.15 -20.43
C MET D 110 -21.50 2.04 -21.43
N LEU D 111 -22.15 0.89 -21.26
CA LEU D 111 -21.94 -0.26 -22.15
C LEU D 111 -22.55 0.02 -23.52
N ALA D 112 -23.67 0.75 -23.56
CA ALA D 112 -24.27 1.16 -24.81
C ALA D 112 -23.32 2.08 -25.57
N GLU D 113 -22.63 2.95 -24.82
CA GLU D 113 -21.69 3.91 -25.38
C GLU D 113 -20.43 3.18 -25.84
N PHE D 114 -19.97 2.20 -25.04
CA PHE D 114 -18.87 1.32 -25.42
C PHE D 114 -19.16 0.71 -26.79
N CYS D 115 -20.38 0.18 -26.95
CA CYS D 115 -20.78 -0.52 -28.15
C CYS D 115 -20.77 0.43 -29.36
N ARG D 116 -21.18 1.69 -29.14
CA ARG D 116 -21.31 2.68 -30.20
C ARG D 116 -19.93 3.09 -30.72
N GLN D 117 -18.96 3.23 -29.80
CA GLN D 117 -17.68 3.82 -30.11
C GLN D 117 -16.68 2.77 -30.61
N LYS D 118 -16.76 1.55 -30.07
CA LYS D 118 -15.72 0.55 -30.26
C LYS D 118 -16.16 -0.57 -31.20
N ARG D 119 -17.47 -0.69 -31.45
CA ARG D 119 -18.02 -1.68 -32.37
C ARG D 119 -17.31 -3.03 -32.16
N PRO D 120 -17.41 -3.66 -30.96
CA PRO D 120 -16.63 -4.85 -30.67
C PRO D 120 -17.08 -6.09 -31.44
N ALA D 121 -16.20 -7.11 -31.46
CA ALA D 121 -16.45 -8.34 -32.22
C ALA D 121 -17.62 -9.09 -31.61
N ALA D 122 -18.39 -9.78 -32.47
CA ALA D 122 -19.58 -10.49 -32.05
C ALA D 122 -19.19 -11.74 -31.25
N TRP D 123 -20.02 -12.05 -30.24
CA TRP D 123 -19.84 -13.20 -29.38
C TRP D 123 -20.59 -14.39 -29.97
N GLU D 124 -20.02 -15.59 -29.80
CA GLU D 124 -20.61 -16.82 -30.28
C GLU D 124 -20.76 -17.78 -29.10
N ALA D 125 -21.96 -18.34 -28.92
CA ALA D 125 -22.22 -19.30 -27.85
C ALA D 125 -21.40 -20.56 -28.12
N PRO D 126 -20.63 -21.08 -27.14
CA PRO D 126 -19.84 -22.29 -27.35
C PRO D 126 -20.69 -23.54 -27.52
N HIS D 127 -20.08 -24.58 -28.10
CA HIS D 127 -20.76 -25.86 -28.34
C HIS D 127 -21.02 -26.53 -26.99
N PRO D 128 -22.14 -27.26 -26.80
CA PRO D 128 -22.38 -27.97 -25.55
C PRO D 128 -21.26 -28.90 -25.10
N LEU D 129 -20.60 -29.56 -26.06
CA LEU D 129 -19.45 -30.40 -25.77
C LEU D 129 -18.28 -29.58 -25.25
N GLU D 130 -18.09 -28.38 -25.83
CA GLU D 130 -17.02 -27.48 -25.40
C GLU D 130 -17.27 -27.00 -23.98
N ARG D 131 -18.54 -26.76 -23.63
CA ARG D 131 -18.91 -26.32 -22.30
C ARG D 131 -18.71 -27.46 -21.30
N ALA D 132 -19.11 -28.68 -21.68
CA ALA D 132 -18.96 -29.85 -20.83
C ALA D 132 -17.47 -30.09 -20.54
N LEU D 133 -16.64 -30.08 -21.60
CA LEU D 133 -15.23 -30.39 -21.45
C LEU D 133 -14.56 -29.35 -20.55
N ARG D 134 -14.89 -28.06 -20.77
CA ARG D 134 -14.34 -27.00 -19.94
C ARG D 134 -14.74 -27.21 -18.48
N ALA D 135 -16.00 -27.61 -18.25
CA ALA D 135 -16.55 -27.74 -16.91
C ALA D 135 -15.83 -28.84 -16.14
N LEU D 136 -15.57 -29.97 -16.81
CA LEU D 136 -14.94 -31.11 -16.18
C LEU D 136 -13.47 -30.79 -15.88
N VAL D 137 -12.79 -30.15 -16.83
CA VAL D 137 -11.39 -29.82 -16.69
C VAL D 137 -11.22 -28.85 -15.51
N VAL D 138 -12.13 -27.89 -15.39
CA VAL D 138 -12.10 -26.91 -14.31
C VAL D 138 -12.35 -27.61 -12.98
N ARG D 139 -13.30 -28.55 -12.94
CA ARG D 139 -13.58 -29.31 -11.74
C ARG D 139 -12.36 -30.15 -11.34
N HIS D 140 -11.69 -30.73 -12.34
CA HIS D 140 -10.51 -31.55 -12.10
C HIS D 140 -9.39 -30.74 -11.44
N GLN D 141 -9.21 -29.49 -11.86
N GLN D 141 -9.22 -29.48 -11.87
CA GLN D 141 -8.17 -28.62 -11.34
CA GLN D 141 -8.18 -28.61 -11.34
C GLN D 141 -8.49 -28.27 -9.88
C GLN D 141 -8.49 -28.22 -9.90
N ALA D 142 -9.79 -28.13 -9.58
CA ALA D 142 -10.24 -27.77 -8.24
C ALA D 142 -9.91 -28.90 -7.26
N LEU D 143 -10.22 -30.15 -7.63
CA LEU D 143 -10.00 -31.29 -6.76
C LEU D 143 -8.51 -31.55 -6.59
N THR D 144 -7.70 -31.21 -7.60
CA THR D 144 -6.25 -31.36 -7.52
C THR D 144 -5.70 -30.40 -6.47
N ASP D 145 -6.21 -29.15 -6.47
CA ASP D 145 -5.79 -28.14 -5.51
C ASP D 145 -6.14 -28.59 -4.09
N MET D 146 -7.32 -29.20 -3.92
CA MET D 146 -7.76 -29.67 -2.61
C MET D 146 -6.88 -30.84 -2.17
N HIS D 147 -6.57 -31.74 -3.12
CA HIS D 147 -5.71 -32.87 -2.84
C HIS D 147 -4.33 -32.39 -2.38
N THR D 148 -3.82 -31.33 -3.04
CA THR D 148 -2.51 -30.77 -2.70
C THR D 148 -2.53 -30.23 -1.28
N GLN D 149 -3.63 -29.54 -0.91
CA GLN D 149 -3.77 -28.98 0.42
C GLN D 149 -3.62 -30.08 1.48
N GLU D 150 -4.37 -31.18 1.31
CA GLU D 150 -4.39 -32.24 2.30
C GLU D 150 -3.05 -32.97 2.31
N LEU D 151 -2.35 -32.97 1.17
CA LEU D 151 -1.04 -33.60 1.07
C LEU D 151 -0.01 -32.78 1.84
N ASN D 152 -0.14 -31.45 1.82
CA ASN D 152 0.73 -30.58 2.59
C ASN D 152 0.52 -30.80 4.08
N ARG D 153 -0.71 -31.13 4.48
CA ARG D 153 -1.03 -31.28 5.89
C ARG D 153 -0.36 -32.53 6.47
N THR D 154 -0.17 -33.55 5.62
CA THR D 154 0.48 -34.79 6.02
C THR D 154 1.88 -34.51 6.57
N GLU D 155 2.51 -33.44 6.08
CA GLU D 155 3.86 -33.05 6.51
C GLU D 155 3.92 -32.89 8.02
N THR D 156 2.95 -32.16 8.61
CA THR D 156 3.04 -31.74 10.00
C THR D 156 1.83 -32.21 10.80
N ALA D 157 1.11 -33.22 10.30
CA ALA D 157 -0.13 -33.64 10.92
C ALA D 157 0.15 -34.29 12.27
N ARG D 158 -0.64 -33.92 13.29
CA ARG D 158 -0.70 -34.63 14.54
C ARG D 158 -1.33 -36.00 14.27
N GLU D 159 -1.04 -36.98 15.14
CA GLU D 159 -1.42 -38.37 14.88
C GLU D 159 -2.94 -38.57 14.98
N VAL D 160 -3.64 -37.74 15.75
CA VAL D 160 -5.09 -37.86 15.85
C VAL D 160 -5.73 -37.33 14.56
N GLN D 161 -5.00 -36.46 13.83
CA GLN D 161 -5.53 -35.85 12.61
C GLN D 161 -5.31 -36.76 11.40
N ARG D 162 -4.30 -37.64 11.46
CA ARG D 162 -3.83 -38.37 10.29
C ARG D 162 -4.91 -39.29 9.72
N PRO D 163 -5.70 -40.04 10.53
CA PRO D 163 -6.77 -40.87 9.98
C PRO D 163 -7.76 -40.10 9.10
N SER D 164 -8.07 -38.86 9.50
CA SER D 164 -9.01 -38.03 8.78
C SER D 164 -8.41 -37.57 7.45
N ILE D 165 -7.13 -37.20 7.46
CA ILE D 165 -6.46 -36.65 6.29
C ILE D 165 -6.24 -37.78 5.28
N ASP D 166 -5.83 -38.96 5.78
CA ASP D 166 -5.63 -40.13 4.94
C ASP D 166 -6.95 -40.51 4.26
N ALA D 167 -8.05 -40.46 5.02
CA ALA D 167 -9.37 -40.82 4.50
C ALA D 167 -9.75 -39.90 3.34
N HIS D 168 -9.49 -38.60 3.52
CA HIS D 168 -9.89 -37.59 2.55
C HIS D 168 -9.05 -37.71 1.28
N LEU D 169 -7.75 -37.99 1.44
CA LEU D 169 -6.83 -38.14 0.32
C LEU D 169 -7.27 -39.29 -0.58
N LEU D 170 -7.70 -40.41 0.02
CA LEU D 170 -8.19 -41.54 -0.75
C LEU D 170 -9.44 -41.13 -1.53
N TRP D 171 -10.36 -40.41 -0.87
CA TRP D 171 -11.60 -40.01 -1.52
C TRP D 171 -11.29 -39.13 -2.73
N LEU D 172 -10.38 -38.18 -2.55
CA LEU D 172 -10.04 -37.23 -3.61
C LEU D 172 -9.34 -37.94 -4.76
N GLU D 173 -8.49 -38.93 -4.43
CA GLU D 173 -7.75 -39.68 -5.44
C GLU D 173 -8.72 -40.51 -6.27
N ALA D 174 -9.73 -41.09 -5.63
CA ALA D 174 -10.75 -41.88 -6.31
C ALA D 174 -11.56 -40.98 -7.24
N GLU D 175 -11.89 -39.78 -6.75
CA GLU D 175 -12.72 -38.84 -7.49
C GLU D 175 -11.95 -38.31 -8.69
N LEU D 176 -10.64 -38.05 -8.52
CA LEU D 176 -9.82 -37.52 -9.59
C LEU D 176 -9.75 -38.52 -10.75
N LYS D 177 -9.60 -39.81 -10.44
CA LYS D 177 -9.62 -40.85 -11.47
C LYS D 177 -10.96 -40.85 -12.20
N ARG D 178 -12.06 -40.69 -11.44
CA ARG D 178 -13.40 -40.79 -11.99
C ARG D 178 -13.63 -39.68 -13.03
N LEU D 179 -13.09 -38.49 -12.79
CA LEU D 179 -13.24 -37.38 -13.72
C LEU D 179 -12.34 -37.59 -14.94
N GLU D 180 -11.09 -38.02 -14.72
CA GLU D 180 -10.17 -38.32 -15.80
C GLU D 180 -10.84 -39.31 -16.75
N LYS D 181 -11.57 -40.28 -16.20
CA LYS D 181 -12.30 -41.26 -16.97
C LYS D 181 -13.46 -40.59 -17.71
N GLN D 182 -14.15 -39.68 -17.01
CA GLN D 182 -15.31 -39.00 -17.56
C GLN D 182 -14.88 -38.06 -18.69
N ILE D 183 -13.72 -37.43 -18.53
CA ILE D 183 -13.15 -36.55 -19.54
C ILE D 183 -12.79 -37.39 -20.77
N LYS D 184 -12.22 -38.57 -20.57
CA LYS D 184 -11.78 -39.40 -21.69
C LYS D 184 -12.98 -40.00 -22.42
N ASP D 185 -14.04 -40.34 -21.68
CA ASP D 185 -15.26 -40.85 -22.29
C ASP D 185 -15.91 -39.77 -23.14
N LEU D 186 -15.72 -38.50 -22.77
CA LEU D 186 -16.28 -37.38 -23.51
C LEU D 186 -15.54 -37.21 -24.83
N THR D 187 -14.20 -37.23 -24.79
CA THR D 187 -13.39 -36.91 -25.95
C THR D 187 -13.42 -38.08 -26.95
N ASP D 188 -13.51 -39.32 -26.44
CA ASP D 188 -13.47 -40.49 -27.29
C ASP D 188 -14.78 -40.69 -28.04
N ASP D 189 -15.89 -40.18 -27.50
CA ASP D 189 -17.20 -40.35 -28.11
C ASP D 189 -17.29 -39.48 -29.38
N ASP D 190 -16.86 -38.21 -29.27
CA ASP D 190 -16.85 -37.32 -30.41
C ASP D 190 -15.62 -37.62 -31.28
N PRO D 191 -15.79 -37.88 -32.60
CA PRO D 191 -14.65 -38.25 -33.44
C PRO D 191 -13.67 -37.10 -33.71
N ASP D 192 -14.14 -35.85 -33.60
CA ASP D 192 -13.31 -34.68 -33.81
C ASP D 192 -12.44 -34.43 -32.58
N MET D 193 -13.08 -34.40 -31.39
CA MET D 193 -12.37 -34.30 -30.12
C MET D 193 -11.26 -35.35 -30.05
N LYS D 194 -11.62 -36.60 -30.40
CA LYS D 194 -10.73 -37.74 -30.26
C LYS D 194 -9.48 -37.53 -31.11
N HIS D 195 -9.68 -37.13 -32.39
CA HIS D 195 -8.57 -36.93 -33.32
C HIS D 195 -7.70 -35.77 -32.85
N ARG D 196 -8.33 -34.65 -32.45
CA ARG D 196 -7.63 -33.46 -32.04
C ARG D 196 -6.78 -33.74 -30.80
N ARG D 197 -7.32 -34.53 -29.87
CA ARG D 197 -6.63 -34.83 -28.61
C ARG D 197 -5.39 -35.68 -28.90
N LYS D 198 -5.52 -36.62 -29.85
CA LYS D 198 -4.43 -37.51 -30.22
C LYS D 198 -3.29 -36.71 -30.85
N LEU D 199 -3.64 -35.64 -31.59
CA LEU D 199 -2.65 -34.77 -32.20
C LEU D 199 -1.88 -34.00 -31.11
N LEU D 200 -2.62 -33.50 -30.11
CA LEU D 200 -2.03 -32.68 -29.06
C LEU D 200 -1.02 -33.50 -28.26
N GLU D 201 -1.34 -34.78 -28.01
CA GLU D 201 -0.49 -35.63 -27.18
C GLU D 201 0.78 -36.04 -27.94
N SER D 202 0.78 -35.93 -29.28
CA SER D 202 1.94 -36.28 -30.08
C SER D 202 3.09 -35.31 -29.83
N ILE D 203 2.81 -34.16 -29.23
CA ILE D 203 3.84 -33.18 -28.88
C ILE D 203 4.62 -33.70 -27.66
N PRO D 204 5.96 -33.86 -27.74
CA PRO D 204 6.74 -34.22 -26.56
C PRO D 204 6.69 -33.17 -25.46
N GLY D 205 6.12 -33.53 -24.31
CA GLY D 205 5.91 -32.61 -23.21
C GLY D 205 4.45 -32.47 -22.84
N ILE D 206 3.54 -32.95 -23.71
CA ILE D 206 2.10 -32.85 -23.48
C ILE D 206 1.55 -34.26 -23.31
N GLY D 207 0.84 -34.48 -22.19
CA GLY D 207 0.25 -35.76 -21.86
C GLY D 207 -1.27 -35.65 -21.76
N GLU D 208 -1.88 -36.64 -21.07
CA GLU D 208 -3.33 -36.74 -20.94
C GLU D 208 -3.90 -35.47 -20.30
N LYS D 209 -3.29 -35.01 -19.19
CA LYS D 209 -3.85 -33.90 -18.43
C LYS D 209 -3.86 -32.64 -19.31
N THR D 210 -2.70 -32.32 -19.90
CA THR D 210 -2.51 -31.05 -20.58
C THR D 210 -3.35 -31.01 -21.85
N SER D 211 -3.47 -32.16 -22.55
CA SER D 211 -4.21 -32.22 -23.80
C SER D 211 -5.67 -31.87 -23.56
N ALA D 212 -6.24 -32.32 -22.44
CA ALA D 212 -7.63 -32.02 -22.10
C ALA D 212 -7.81 -30.53 -21.86
N VAL D 213 -6.85 -29.91 -21.17
CA VAL D 213 -6.96 -28.49 -20.83
C VAL D 213 -6.84 -27.68 -22.12
N LEU D 214 -5.88 -28.02 -22.99
CA LEU D 214 -5.68 -27.32 -24.25
C LEU D 214 -6.92 -27.45 -25.13
N LEU D 215 -7.49 -28.66 -25.17
CA LEU D 215 -8.64 -28.94 -26.02
C LEU D 215 -9.90 -28.26 -25.47
N ALA D 216 -9.88 -27.89 -24.18
CA ALA D 216 -11.02 -27.21 -23.56
C ALA D 216 -11.05 -25.74 -23.96
N TYR D 217 -9.87 -25.15 -24.24
CA TYR D 217 -9.76 -23.73 -24.51
C TYR D 217 -9.67 -23.47 -26.01
N ILE D 218 -8.98 -24.35 -26.74
CA ILE D 218 -9.18 -24.46 -28.18
C ILE D 218 -10.51 -25.21 -28.34
N GLY D 219 -11.35 -24.78 -29.28
CA GLY D 219 -12.68 -25.36 -29.39
C GLY D 219 -12.64 -26.69 -30.17
N LEU D 220 -13.78 -26.98 -30.83
CA LEU D 220 -13.86 -28.05 -31.82
C LEU D 220 -13.33 -27.53 -33.15
N LYS D 221 -13.47 -26.21 -33.36
CA LYS D 221 -13.10 -25.56 -34.61
C LYS D 221 -11.94 -24.62 -34.34
N ASP D 222 -11.25 -24.21 -35.42
CA ASP D 222 -10.11 -23.32 -35.34
C ASP D 222 -10.62 -21.88 -35.35
N ARG D 223 -10.77 -21.30 -34.15
CA ARG D 223 -11.40 -19.99 -33.99
C ARG D 223 -10.35 -18.90 -33.77
N PHE D 224 -9.06 -19.25 -33.90
CA PHE D 224 -7.99 -18.26 -33.93
C PHE D 224 -7.35 -18.31 -35.31
N ALA D 225 -7.23 -17.14 -35.96
CA ALA D 225 -6.66 -17.04 -37.29
C ALA D 225 -5.21 -17.52 -37.27
N HIS D 226 -4.46 -17.17 -36.22
CA HIS D 226 -3.06 -17.50 -36.12
C HIS D 226 -2.75 -18.04 -34.72
N ALA D 227 -1.66 -18.81 -34.62
CA ALA D 227 -1.26 -19.46 -33.38
C ALA D 227 -0.79 -18.45 -32.35
N ARG D 228 -0.18 -17.35 -32.81
CA ARG D 228 0.25 -16.26 -31.96
C ARG D 228 -0.90 -15.81 -31.05
N GLN D 229 -2.10 -15.76 -31.63
CA GLN D 229 -3.28 -15.25 -30.94
C GLN D 229 -3.65 -16.15 -29.77
N PHE D 230 -3.49 -17.47 -29.96
CA PHE D 230 -3.82 -18.43 -28.91
C PHE D 230 -2.82 -18.31 -27.75
N ALA D 231 -1.54 -18.05 -28.06
CA ALA D 231 -0.55 -17.83 -27.03
C ALA D 231 -0.89 -16.57 -26.23
N ALA D 232 -1.36 -15.52 -26.93
CA ALA D 232 -1.79 -14.29 -26.28
C ALA D 232 -3.02 -14.53 -25.40
N PHE D 233 -3.92 -15.41 -25.87
CA PHE D 233 -5.15 -15.75 -25.17
C PHE D 233 -4.86 -16.38 -23.81
N ALA D 234 -3.70 -17.06 -23.69
CA ALA D 234 -3.30 -17.69 -22.44
C ALA D 234 -2.61 -16.67 -21.51
N GLY D 235 -2.22 -15.52 -22.05
CA GLY D 235 -1.53 -14.50 -21.29
C GLY D 235 -0.04 -14.80 -21.16
N LEU D 236 0.56 -15.32 -22.24
CA LEU D 236 1.91 -15.86 -22.21
C LEU D 236 2.86 -15.06 -23.09
N THR D 237 2.38 -13.94 -23.65
CA THR D 237 3.22 -13.12 -24.51
C THR D 237 3.75 -11.96 -23.67
N PRO D 238 5.02 -11.50 -23.85
CA PRO D 238 5.56 -10.45 -23.00
C PRO D 238 5.13 -9.04 -23.43
N ARG D 239 5.32 -8.09 -22.51
CA ARG D 239 5.12 -6.67 -22.81
C ARG D 239 5.99 -5.84 -21.88
N ARG D 240 6.42 -4.66 -22.36
CA ARG D 240 7.20 -3.74 -21.57
C ARG D 240 6.29 -2.94 -20.64
N TYR D 241 6.79 -2.66 -19.43
CA TYR D 241 6.07 -1.84 -18.46
C TYR D 241 6.95 -0.64 -18.07
N ALA D 250 11.90 -3.31 -18.27
CA ALA D 250 12.14 -4.60 -18.94
C ALA D 250 10.82 -5.33 -19.18
N SER D 251 10.79 -6.19 -20.20
CA SER D 251 9.59 -6.93 -20.56
C SER D 251 9.33 -8.05 -19.55
N ARG D 252 8.06 -8.45 -19.44
CA ARG D 252 7.65 -9.55 -18.58
C ARG D 252 6.34 -10.13 -19.10
N MET D 253 6.01 -11.34 -18.63
CA MET D 253 4.81 -12.05 -19.02
C MET D 253 3.58 -11.20 -18.69
N SER D 254 2.74 -10.95 -19.70
CA SER D 254 1.62 -10.03 -19.57
C SER D 254 0.61 -10.54 -18.54
N LYS D 255 0.41 -11.86 -18.51
CA LYS D 255 -0.53 -12.52 -17.62
C LYS D 255 -1.96 -12.05 -17.90
N ALA D 256 -2.19 -11.47 -19.08
CA ALA D 256 -3.52 -11.01 -19.46
C ALA D 256 -4.18 -12.07 -20.34
N GLY D 257 -4.69 -13.11 -19.68
CA GLY D 257 -5.34 -14.22 -20.38
C GLY D 257 -5.67 -15.34 -19.41
N HIS D 258 -6.27 -16.42 -19.92
CA HIS D 258 -6.84 -17.45 -19.08
C HIS D 258 -5.79 -18.04 -18.13
N VAL D 259 -6.11 -17.99 -16.83
CA VAL D 259 -5.24 -18.45 -15.77
C VAL D 259 -5.22 -19.98 -15.75
N SER D 260 -6.39 -20.60 -15.92
CA SER D 260 -6.51 -22.06 -15.92
C SER D 260 -5.67 -22.66 -17.05
N LEU D 261 -5.68 -22.00 -18.21
CA LEU D 261 -4.90 -22.42 -19.36
C LEU D 261 -3.41 -22.22 -19.10
N ARG D 262 -3.07 -21.06 -18.55
CA ARG D 262 -1.68 -20.69 -18.29
C ARG D 262 -1.05 -21.65 -17.28
N ARG D 263 -1.78 -21.97 -16.20
CA ARG D 263 -1.19 -22.76 -15.11
C ARG D 263 -0.95 -24.20 -15.56
N ALA D 264 -1.66 -24.66 -16.59
CA ALA D 264 -1.57 -26.03 -17.05
C ALA D 264 -0.28 -26.29 -17.83
N LEU D 265 0.44 -25.22 -18.21
CA LEU D 265 1.54 -25.34 -19.17
C LEU D 265 2.91 -25.33 -18.48
N TYR D 266 2.97 -24.98 -17.19
CA TYR D 266 4.24 -24.79 -16.50
C TYR D 266 5.00 -26.11 -16.35
N MET D 267 4.31 -27.18 -15.92
CA MET D 267 4.98 -28.45 -15.68
C MET D 267 5.33 -29.12 -17.02
N PRO D 268 4.45 -29.13 -18.05
CA PRO D 268 4.86 -29.50 -19.40
C PRO D 268 6.11 -28.77 -19.91
N ALA D 269 6.26 -27.49 -19.54
CA ALA D 269 7.39 -26.70 -19.98
C ALA D 269 8.68 -27.22 -19.35
N MET D 270 8.61 -27.61 -18.06
CA MET D 270 9.75 -28.20 -17.37
C MET D 270 10.10 -29.55 -18.00
N VAL D 271 9.08 -30.36 -18.30
CA VAL D 271 9.31 -31.68 -18.87
C VAL D 271 9.93 -31.53 -20.26
N ALA D 272 9.47 -30.53 -21.04
CA ALA D 272 9.99 -30.31 -22.37
C ALA D 272 11.46 -29.90 -22.30
N THR D 273 11.76 -28.83 -21.55
CA THR D 273 13.09 -28.24 -21.55
C THR D 273 14.10 -29.18 -20.88
N SER D 274 13.63 -30.25 -20.21
CA SER D 274 14.52 -31.16 -19.50
C SER D 274 14.67 -32.48 -20.25
N LYS D 275 13.55 -33.07 -20.71
CA LYS D 275 13.53 -34.48 -21.04
C LYS D 275 13.22 -34.73 -22.52
N THR D 276 13.24 -33.68 -23.36
CA THR D 276 12.91 -33.84 -24.77
C THR D 276 13.98 -33.15 -25.61
N GLU D 277 14.22 -33.68 -26.82
CA GLU D 277 15.25 -33.17 -27.72
C GLU D 277 14.91 -31.73 -28.12
N TRP D 278 13.70 -31.53 -28.63
CA TRP D 278 13.29 -30.24 -29.16
C TRP D 278 13.21 -29.20 -28.04
N GLY D 279 12.87 -29.66 -26.83
CA GLY D 279 12.78 -28.80 -25.66
C GLY D 279 14.16 -28.36 -25.17
N ARG D 280 15.07 -29.33 -25.01
CA ARG D 280 16.44 -29.06 -24.59
C ARG D 280 17.12 -28.12 -25.60
N ALA D 281 16.90 -28.37 -26.89
CA ALA D 281 17.45 -27.53 -27.95
C ALA D 281 17.06 -26.07 -27.73
N PHE D 282 15.77 -25.85 -27.42
CA PHE D 282 15.26 -24.52 -27.14
C PHE D 282 15.93 -23.96 -25.88
N ARG D 283 16.01 -24.78 -24.83
CA ARG D 283 16.58 -24.38 -23.56
C ARG D 283 18.04 -23.95 -23.76
N ASP D 284 18.81 -24.78 -24.48
CA ASP D 284 20.23 -24.57 -24.69
C ASP D 284 20.48 -23.22 -25.34
N ARG D 285 19.76 -22.94 -26.42
CA ARG D 285 19.94 -21.70 -27.19
C ARG D 285 19.78 -20.49 -26.27
N LEU D 286 18.67 -20.45 -25.52
CA LEU D 286 18.37 -19.31 -24.65
C LEU D 286 19.32 -19.29 -23.47
N ALA D 287 19.67 -20.47 -22.94
CA ALA D 287 20.62 -20.58 -21.83
C ALA D 287 21.95 -19.96 -22.23
N ALA D 288 22.37 -20.22 -23.48
CA ALA D 288 23.62 -19.68 -24.01
C ALA D 288 23.41 -18.26 -24.54
N ASN D 289 22.36 -17.58 -24.08
CA ASN D 289 22.09 -16.20 -24.43
C ASN D 289 21.78 -15.41 -23.16
N GLY D 290 22.16 -15.95 -21.99
CA GLY D 290 22.11 -15.22 -20.73
C GLY D 290 20.76 -15.31 -20.02
N LYS D 291 19.90 -16.25 -20.45
CA LYS D 291 18.53 -16.33 -19.93
C LYS D 291 18.50 -17.25 -18.71
N LYS D 292 17.67 -16.87 -17.72
CA LYS D 292 17.56 -17.60 -16.47
C LYS D 292 16.56 -18.75 -16.63
N GLY D 293 16.53 -19.65 -15.64
CA GLY D 293 15.77 -20.88 -15.71
C GLY D 293 14.28 -20.64 -15.91
N LYS D 294 13.68 -19.86 -15.00
CA LYS D 294 12.26 -19.51 -15.05
C LYS D 294 11.93 -18.76 -16.33
N VAL D 295 12.86 -17.90 -16.79
CA VAL D 295 12.66 -17.10 -17.98
C VAL D 295 12.53 -18.03 -19.19
N ILE D 296 13.33 -19.10 -19.22
CA ILE D 296 13.27 -20.08 -20.31
C ILE D 296 11.96 -20.84 -20.21
N LEU D 297 11.52 -21.17 -18.99
CA LEU D 297 10.25 -21.85 -18.77
C LEU D 297 9.11 -20.96 -19.27
N GLY D 298 9.13 -19.68 -18.86
CA GLY D 298 8.17 -18.71 -19.36
C GLY D 298 8.06 -18.76 -20.88
N ALA D 299 9.22 -18.81 -21.56
CA ALA D 299 9.26 -18.81 -23.01
C ALA D 299 8.73 -20.13 -23.58
N MET D 300 9.04 -21.25 -22.92
CA MET D 300 8.62 -22.56 -23.40
C MET D 300 7.11 -22.74 -23.18
N MET D 301 6.56 -22.09 -22.15
CA MET D 301 5.11 -22.09 -21.93
C MET D 301 4.43 -21.47 -23.14
N ARG D 302 4.89 -20.27 -23.55
CA ARG D 302 4.34 -19.58 -24.70
C ARG D 302 4.52 -20.42 -25.96
N LYS D 303 5.65 -21.12 -26.07
CA LYS D 303 5.97 -21.89 -27.27
C LYS D 303 5.03 -23.07 -27.40
N LEU D 304 4.84 -23.83 -26.30
CA LEU D 304 3.95 -24.99 -26.30
C LEU D 304 2.56 -24.57 -26.75
N ALA D 305 2.04 -23.47 -26.17
CA ALA D 305 0.73 -22.95 -26.53
C ALA D 305 0.65 -22.73 -28.04
N GLN D 306 1.69 -22.09 -28.60
CA GLN D 306 1.73 -21.75 -30.01
C GLN D 306 1.86 -23.02 -30.86
N VAL D 307 2.73 -23.94 -30.46
CA VAL D 307 2.95 -25.18 -31.21
C VAL D 307 1.68 -26.03 -31.13
N ALA D 308 1.02 -26.05 -29.96
CA ALA D 308 -0.18 -26.84 -29.76
C ALA D 308 -1.25 -26.45 -30.80
N TYR D 309 -1.49 -25.14 -30.94
CA TYR D 309 -2.50 -24.65 -31.87
C TYR D 309 -2.01 -24.86 -33.30
N GLY D 310 -0.69 -24.70 -33.53
CA GLY D 310 -0.08 -24.97 -34.81
C GLY D 310 -0.33 -26.39 -35.28
N VAL D 311 -0.08 -27.37 -34.39
CA VAL D 311 -0.19 -28.79 -34.74
C VAL D 311 -1.63 -29.11 -35.13
N LEU D 312 -2.60 -28.57 -34.39
CA LEU D 312 -4.01 -28.84 -34.67
C LEU D 312 -4.37 -28.30 -36.05
N LYS D 313 -3.91 -27.07 -36.34
CA LYS D 313 -4.24 -26.40 -37.59
C LYS D 313 -3.64 -27.19 -38.77
N SER D 314 -2.41 -27.69 -38.59
CA SER D 314 -1.75 -28.51 -39.60
C SER D 314 -2.50 -29.83 -39.80
N GLY D 315 -3.04 -30.38 -38.71
CA GLY D 315 -3.88 -31.57 -38.78
C GLY D 315 -3.06 -32.85 -38.86
N VAL D 316 -1.75 -32.77 -38.57
CA VAL D 316 -0.85 -33.91 -38.66
C VAL D 316 -0.04 -33.99 -37.38
N PRO D 317 0.44 -35.20 -36.95
CA PRO D 317 1.25 -35.33 -35.75
C PRO D 317 2.46 -34.39 -35.69
N PHE D 318 2.99 -34.20 -34.48
CA PHE D 318 4.13 -33.32 -34.25
C PHE D 318 5.32 -33.79 -35.08
N ASP D 319 5.84 -32.89 -35.91
CA ASP D 319 7.07 -33.12 -36.68
C ASP D 319 8.20 -32.36 -36.00
N ALA D 320 9.22 -33.08 -35.52
CA ALA D 320 10.33 -32.50 -34.81
C ALA D 320 11.25 -31.73 -35.75
N SER D 321 11.27 -32.13 -37.03
CA SER D 321 12.14 -31.54 -38.04
C SER D 321 11.88 -30.04 -38.20
N ARG D 322 10.69 -29.58 -37.77
CA ARG D 322 10.27 -28.20 -37.94
C ARG D 322 10.85 -27.31 -36.84
N HIS D 323 11.47 -27.92 -35.82
CA HIS D 323 12.05 -27.18 -34.71
C HIS D 323 13.53 -27.52 -34.54
N ASN D 324 14.15 -28.12 -35.57
CA ASN D 324 15.52 -28.58 -35.48
C ASN D 324 16.47 -27.38 -35.63
#